data_9GIM
#
_entry.id   9GIM
#
_cell.length_a   1.00
_cell.length_b   1.00
_cell.length_c   1.00
_cell.angle_alpha   90.00
_cell.angle_beta   90.00
_cell.angle_gamma   90.00
#
_symmetry.space_group_name_H-M   'P 1'
#
_entity_poly.entity_id   1
_entity_poly.type   'polypeptide(L)'
_entity_poly.pdbx_seq_one_letter_code
;GLGSMATGLGEPVYGLSEDEGESRILRVKVVSGIDLAKKDIFGASDPYVKLSLYVADENRELALVQTKTIKKTLNPKWNE
EFYFRVNPSNHRLLFEVFDENRLTRDDFLGQVDVPLSHLPTEDPTMERPYTFKDFLLRPRSHKSRVKGFLRLKMAYMPKN
GGQDEENSDQRDDMEHGWEVVDSNDSASQHQEELPPPPLPPGWEEKVDNLGRTYYVNHNNRTTQWHRPSLMDVSSESDNN
IRQINQEAAHRRFRSRRHISEDLEPEPSEGGDVPEPWETISEEVNIAGDSLGLALPPPPASPGSRTSPQELSEELSRRLQ
ITPDSNGEQFSSLIQREPSSRLRSCSVTDAVAEQGHLPPPSVAYVHTTPGLPSGWEERKDAKGRTYYVNHNNRTTTWTRP
IMQLAEDGASGSATNSNNHLIEPQIRRPRSLSSPTVTLSAPLEGAKDSPVRRAVKDTLSNPQSPQPSPYNSPKPQHKVTQ
SFLPPGWEMRIAPNGRPFFIDHNTKTTTWEDPRLKFPVHMRSKTSLNPNDLGPLPPGWEERIHLDGRTFYIDHNSKITQW
EDPRLQNPAITGPAVPYSREFKQKYDYFRKKLKKPADIPNRFEMKLHRNNIFEESYRRIMSVKRPDVLKARLWIEFESEK
GLDYGGVAREWFFLLSKEMFNPYYGLFEYSATDNYTLQINPNSGLCNEDHLSYFTFIGRVAGLAVFHGKLLDGFFIRPFY
KMMLGKQITLNDMESVDSEYYNSLKWILENDPTELDLMFCIDEENFGQTYQVDLKPNGSEIMVTNENKREYIDLVIQWRF
VNRVQKQMNAFLEGFTELLPIDLIKIFDENELELLMCGLGDVDVNDWRQHSIYKNGYCPNHPVIQWFWKAVLLMDAEKRI
RLLQFVTGTSRVPMNGFAELYGSNGPQLFTIEQWGSPEKLPRAHTCFNRLDLPPYETFEDLREKLLMAVENAQGFEGVD
;
_entity_poly.pdbx_strand_id   A
#
# COMPACT_ATOMS: atom_id res chain seq x y z
N VAL A 13 -35.10 12.67 29.08
CA VAL A 13 -34.96 13.90 29.85
C VAL A 13 -33.52 14.36 29.86
N TYR A 14 -32.61 13.45 29.46
CA TYR A 14 -31.19 13.80 29.43
C TYR A 14 -30.88 14.81 28.34
N GLY A 15 -31.61 14.75 27.23
CA GLY A 15 -31.36 15.64 26.11
C GLY A 15 -31.50 14.96 24.77
N LEU A 16 -30.75 15.43 23.78
CA LEU A 16 -30.76 14.87 22.43
C LEU A 16 -32.17 14.88 21.84
N SER A 17 -32.72 16.09 21.72
CA SER A 17 -34.05 16.28 21.13
C SER A 17 -34.12 17.72 20.65
N GLU A 18 -34.09 17.91 19.33
CA GLU A 18 -34.06 19.24 18.72
C GLU A 18 -35.18 19.39 17.70
N ASP A 19 -36.36 18.88 18.01
CA ASP A 19 -37.53 19.01 17.15
C ASP A 19 -38.62 19.85 17.79
N GLU A 20 -39.05 19.47 18.99
CA GLU A 20 -40.07 20.21 19.75
C GLU A 20 -41.35 20.32 18.91
N GLY A 21 -42.14 21.36 19.14
CA GLY A 21 -43.38 21.53 18.40
C GLY A 21 -44.39 20.45 18.73
N GLU A 22 -45.24 20.14 17.75
CA GLU A 22 -46.24 19.08 17.89
C GLU A 22 -45.56 17.75 17.58
N SER A 23 -44.91 17.18 18.59
CA SER A 23 -44.17 15.94 18.43
C SER A 23 -44.43 15.05 19.64
N ARG A 24 -44.14 13.76 19.46
CA ARG A 24 -44.37 12.75 20.50
C ARG A 24 -43.04 12.22 20.98
N ILE A 25 -42.91 12.05 22.29
CA ILE A 25 -41.66 11.57 22.88
C ILE A 25 -41.60 10.05 22.77
N LEU A 26 -40.60 9.55 22.04
CA LEU A 26 -40.41 8.13 21.83
C LEU A 26 -38.99 7.73 22.20
N ARG A 27 -38.87 6.56 22.81
CA ARG A 27 -37.59 6.01 23.22
C ARG A 27 -37.27 4.79 22.37
N VAL A 28 -36.10 4.80 21.73
CA VAL A 28 -35.54 3.64 21.06
C VAL A 28 -34.50 3.05 22.00
N LYS A 29 -34.27 1.74 21.89
CA LYS A 29 -33.26 1.08 22.71
C LYS A 29 -32.70 -0.12 21.97
N VAL A 30 -31.44 -0.03 21.59
CA VAL A 30 -30.73 -1.18 21.04
C VAL A 30 -30.23 -2.04 22.19
N VAL A 31 -30.14 -3.35 21.95
CA VAL A 31 -29.77 -4.29 23.00
C VAL A 31 -28.41 -4.91 22.71
N SER A 32 -28.31 -5.64 21.60
CA SER A 32 -27.08 -6.33 21.23
C SER A 32 -27.27 -6.92 19.84
N GLY A 33 -26.19 -7.50 19.32
CA GLY A 33 -26.25 -8.22 18.06
C GLY A 33 -25.68 -9.61 18.22
N ILE A 34 -26.26 -10.56 17.50
CA ILE A 34 -25.90 -11.97 17.60
C ILE A 34 -25.42 -12.45 16.24
N ASP A 35 -24.21 -13.02 16.20
CA ASP A 35 -23.64 -13.64 15.01
C ASP A 35 -23.56 -12.65 13.85
N LEU A 36 -22.79 -11.58 14.07
CA LEU A 36 -22.60 -10.58 13.04
C LEU A 36 -21.69 -11.09 11.93
N ALA A 37 -21.96 -10.64 10.72
CA ALA A 37 -21.17 -11.07 9.56
C ALA A 37 -19.78 -10.44 9.59
N LYS A 38 -18.85 -11.10 8.90
CA LYS A 38 -17.48 -10.60 8.79
C LYS A 38 -16.78 -11.35 7.67
N LYS A 39 -15.97 -10.62 6.89
CA LYS A 39 -15.05 -11.22 5.93
C LYS A 39 -13.68 -10.57 6.15
N ASP A 40 -12.96 -11.06 7.17
CA ASP A 40 -11.58 -10.64 7.39
C ASP A 40 -10.71 -11.77 7.91
N ILE A 41 -11.20 -13.01 7.94
CA ILE A 41 -10.53 -14.17 8.52
C ILE A 41 -10.39 -13.96 10.03
N PHE A 42 -9.64 -12.93 10.44
CA PHE A 42 -9.52 -12.63 11.86
C PHE A 42 -10.86 -12.24 12.47
N GLY A 43 -11.63 -11.42 11.74
CA GLY A 43 -12.95 -11.01 12.20
C GLY A 43 -13.12 -9.51 12.27
N ALA A 44 -12.09 -8.81 12.77
CA ALA A 44 -12.08 -7.34 12.83
C ALA A 44 -13.35 -6.79 13.46
N SER A 45 -13.80 -7.43 14.54
CA SER A 45 -15.09 -7.12 15.14
C SER A 45 -14.97 -5.84 15.95
N ASP A 46 -14.99 -4.72 15.22
CA ASP A 46 -14.98 -3.38 15.82
C ASP A 46 -16.07 -2.55 15.16
N PRO A 47 -17.34 -2.82 15.49
CA PRO A 47 -18.44 -2.14 14.82
C PRO A 47 -18.89 -0.87 15.54
N TYR A 48 -19.68 -0.08 14.81
CA TYR A 48 -20.37 1.07 15.38
C TYR A 48 -21.71 1.23 14.67
N VAL A 49 -22.71 1.65 15.44
CA VAL A 49 -24.07 1.78 14.96
C VAL A 49 -24.41 3.26 14.80
N LYS A 50 -25.03 3.59 13.66
CA LYS A 50 -25.51 4.94 13.37
C LYS A 50 -27.03 4.90 13.34
N LEU A 51 -27.65 5.61 14.28
CA LEU A 51 -29.10 5.80 14.28
C LEU A 51 -29.43 7.09 13.54
N SER A 52 -30.30 6.99 12.54
CA SER A 52 -30.73 8.13 11.74
C SER A 52 -32.25 8.17 11.76
N LEU A 53 -32.80 9.08 12.55
CA LEU A 53 -34.23 9.34 12.58
C LEU A 53 -34.56 10.41 11.54
N TYR A 54 -35.47 10.09 10.63
CA TYR A 54 -35.75 10.95 9.50
C TYR A 54 -37.23 10.87 9.16
N VAL A 55 -37.62 11.57 8.08
CA VAL A 55 -38.99 11.57 7.59
C VAL A 55 -39.06 10.69 6.35
N ALA A 56 -40.07 9.83 6.30
CA ALA A 56 -40.21 8.89 5.19
C ALA A 56 -40.54 9.57 3.88
N ASP A 57 -40.90 10.86 3.89
CA ASP A 57 -41.27 11.54 2.65
C ASP A 57 -40.03 11.99 1.88
N GLU A 58 -39.22 12.86 2.49
CA GLU A 58 -38.05 13.42 1.81
C GLU A 58 -36.75 12.75 2.20
N ASN A 59 -36.74 11.93 3.26
CA ASN A 59 -35.54 11.25 3.75
C ASN A 59 -34.44 12.23 4.11
N ARG A 60 -34.81 13.39 4.64
CA ARG A 60 -33.83 14.35 5.14
C ARG A 60 -33.39 13.95 6.54
N GLU A 61 -32.10 14.12 6.82
CA GLU A 61 -31.57 13.75 8.12
C GLU A 61 -32.10 14.68 9.19
N LEU A 62 -32.63 14.11 10.27
CA LEU A 62 -33.17 14.88 11.38
C LEU A 62 -32.44 14.62 12.69
N ALA A 63 -32.23 13.35 13.05
CA ALA A 63 -31.49 13.00 14.24
C ALA A 63 -30.42 11.98 13.89
N LEU A 64 -29.17 12.27 14.26
CA LEU A 64 -28.04 11.40 13.97
C LEU A 64 -27.31 11.09 15.26
N VAL A 65 -27.18 9.81 15.58
CA VAL A 65 -26.51 9.36 16.80
C VAL A 65 -25.53 8.24 16.44
N GLN A 66 -24.35 8.27 17.04
CA GLN A 66 -23.36 7.22 16.85
C GLN A 66 -22.80 6.80 18.20
N THR A 67 -22.70 5.48 18.41
CA THR A 67 -22.13 4.93 19.63
C THR A 67 -21.13 3.85 19.28
N LYS A 68 -20.07 3.75 20.08
CA LYS A 68 -19.05 2.71 19.92
C LYS A 68 -18.53 2.36 21.30
N THR A 69 -18.98 1.23 21.85
CA THR A 69 -18.57 0.80 23.17
C THR A 69 -18.03 -0.62 23.19
N ILE A 70 -17.89 -1.27 22.04
CA ILE A 70 -17.39 -2.64 21.96
C ILE A 70 -16.28 -2.69 20.93
N LYS A 71 -15.14 -3.25 21.30
CA LYS A 71 -14.00 -3.41 20.42
C LYS A 71 -13.46 -4.83 20.53
N LYS A 72 -13.18 -5.43 19.38
CA LYS A 72 -12.66 -6.80 19.29
C LYS A 72 -13.60 -7.79 19.99
N THR A 73 -14.86 -7.78 19.55
CA THR A 73 -15.85 -8.75 20.03
C THR A 73 -16.96 -8.83 18.99
N LEU A 74 -17.26 -10.05 18.54
CA LEU A 74 -18.23 -10.21 17.45
C LEU A 74 -19.63 -9.79 17.90
N ASN A 75 -20.00 -10.10 19.14
CA ASN A 75 -21.31 -9.74 19.64
C ASN A 75 -21.19 -8.50 20.51
N PRO A 76 -21.67 -7.34 20.07
CA PRO A 76 -21.52 -6.13 20.88
C PRO A 76 -22.67 -5.93 21.86
N LYS A 77 -22.34 -5.65 23.12
CA LYS A 77 -23.35 -5.42 24.15
C LYS A 77 -23.73 -3.94 24.15
N TRP A 78 -24.48 -3.57 23.12
CA TRP A 78 -24.94 -2.19 22.92
C TRP A 78 -26.36 -2.03 23.45
N ASN A 79 -26.48 -1.96 24.78
CA ASN A 79 -27.76 -1.69 25.42
C ASN A 79 -27.86 -0.18 25.61
N GLU A 80 -28.23 0.51 24.53
CA GLU A 80 -28.22 1.96 24.48
C GLU A 80 -29.61 2.49 24.19
N GLU A 81 -30.04 3.48 24.95
CA GLU A 81 -31.36 4.07 24.84
C GLU A 81 -31.24 5.52 24.38
N PHE A 82 -32.18 5.94 23.54
CA PHE A 82 -32.21 7.30 23.02
C PHE A 82 -33.65 7.80 22.99
N TYR A 83 -33.86 9.01 23.50
CA TYR A 83 -35.18 9.62 23.57
C TYR A 83 -35.23 10.79 22.60
N PHE A 84 -36.27 10.82 21.76
CA PHE A 84 -36.43 11.92 20.81
C PHE A 84 -37.91 12.22 20.63
N ARG A 85 -38.21 13.49 20.34
CA ARG A 85 -39.58 13.95 20.18
C ARG A 85 -39.88 14.16 18.69
N VAL A 86 -40.58 13.19 18.10
CA VAL A 86 -41.04 13.29 16.71
C VAL A 86 -42.45 12.74 16.63
N ASN A 87 -43.14 13.10 15.54
CA ASN A 87 -44.45 12.53 15.27
C ASN A 87 -44.30 11.21 14.53
N PRO A 88 -44.89 10.13 15.02
CA PRO A 88 -44.75 8.83 14.33
C PRO A 88 -45.62 8.72 13.09
N SER A 89 -46.23 9.83 12.67
CA SER A 89 -47.13 9.79 11.52
C SER A 89 -46.36 9.48 10.23
N ASN A 90 -45.28 10.21 9.97
CA ASN A 90 -44.53 10.06 8.73
C ASN A 90 -43.03 10.06 8.99
N HIS A 91 -42.59 9.32 10.00
CA HIS A 91 -41.18 9.27 10.37
C HIS A 91 -40.69 7.84 10.37
N ARG A 92 -39.38 7.68 10.19
CA ARG A 92 -38.76 6.38 10.02
C ARG A 92 -37.37 6.40 10.64
N LEU A 93 -36.84 5.21 10.90
CA LEU A 93 -35.53 5.04 11.51
C LEU A 93 -34.64 4.22 10.59
N LEU A 94 -33.35 4.55 10.58
CA LEU A 94 -32.34 3.76 9.89
C LEU A 94 -31.23 3.42 10.87
N PHE A 95 -30.93 2.14 11.00
CA PHE A 95 -29.82 1.66 11.81
C PHE A 95 -28.76 1.15 10.85
N GLU A 96 -27.69 1.91 10.69
CA GLU A 96 -26.59 1.55 9.80
C GLU A 96 -25.40 1.13 10.66
N VAL A 97 -25.09 -0.16 10.64
CA VAL A 97 -23.93 -0.67 11.37
C VAL A 97 -22.75 -0.74 10.40
N PHE A 98 -21.64 -0.13 10.78
CA PHE A 98 -20.42 -0.15 9.99
C PHE A 98 -19.29 -0.71 10.85
N ASP A 99 -18.14 -0.94 10.22
CA ASP A 99 -16.95 -1.44 10.91
C ASP A 99 -15.81 -0.44 10.74
N GLU A 100 -15.22 -0.03 11.86
CA GLU A 100 -14.10 0.91 11.83
C GLU A 100 -12.77 0.24 11.53
N ASN A 101 -12.73 -1.09 11.49
CA ASN A 101 -11.50 -1.81 11.18
C ASN A 101 -11.69 -2.66 9.93
N ARG A 102 -12.27 -2.07 8.89
CA ARG A 102 -12.40 -2.71 7.58
C ARG A 102 -12.03 -1.73 6.49
N LEU A 103 -10.89 -1.04 6.68
CA LEU A 103 -10.41 -0.08 5.70
C LEU A 103 -10.03 -0.79 4.40
N THR A 104 -10.13 -0.05 3.30
CA THR A 104 -9.93 -0.55 1.94
C THR A 104 -10.90 -1.66 1.57
N ARG A 105 -11.94 -1.87 2.38
CA ARG A 105 -12.97 -2.86 2.11
C ARG A 105 -14.32 -2.25 2.45
N ASP A 106 -15.37 -2.90 1.96
CA ASP A 106 -16.74 -2.44 2.24
C ASP A 106 -17.01 -2.64 3.72
N ASP A 107 -16.99 -1.54 4.48
CA ASP A 107 -17.26 -1.58 5.91
C ASP A 107 -18.75 -1.59 6.22
N PHE A 108 -19.60 -1.76 5.20
CA PHE A 108 -21.05 -1.72 5.38
C PHE A 108 -21.48 -3.02 6.06
N LEU A 109 -21.41 -3.01 7.40
CA LEU A 109 -21.77 -4.20 8.16
C LEU A 109 -23.25 -4.54 8.00
N GLY A 110 -24.10 -3.53 7.80
CA GLY A 110 -25.49 -3.80 7.53
C GLY A 110 -26.34 -2.56 7.71
N GLN A 111 -27.60 -2.67 7.27
CA GLN A 111 -28.57 -1.61 7.39
C GLN A 111 -29.94 -2.20 7.70
N VAL A 112 -30.68 -1.52 8.57
CA VAL A 112 -32.03 -1.92 8.94
C VAL A 112 -32.93 -0.68 8.88
N ASP A 113 -34.09 -0.83 8.25
CA ASP A 113 -35.07 0.25 8.13
C ASP A 113 -36.25 -0.08 9.03
N VAL A 114 -36.54 0.80 9.99
CA VAL A 114 -37.59 0.59 10.98
C VAL A 114 -38.71 1.59 10.71
N PRO A 115 -39.88 1.14 10.26
CA PRO A 115 -41.01 2.06 10.10
C PRO A 115 -41.71 2.29 11.43
N LEU A 116 -42.16 3.52 11.64
CA LEU A 116 -42.92 3.89 12.83
C LEU A 116 -44.42 3.87 12.52
N SER A 117 -44.93 2.68 12.21
CA SER A 117 -46.32 2.55 11.78
C SER A 117 -47.09 1.59 12.68
N HIS A 118 -46.42 0.55 13.18
CA HIS A 118 -47.09 -0.43 14.01
C HIS A 118 -47.61 0.20 15.30
N LEU A 119 -46.73 0.89 16.04
CA LEU A 119 -47.07 1.67 17.22
C LEU A 119 -47.88 0.85 18.23
N PRO A 120 -47.26 -0.10 18.91
CA PRO A 120 -48.00 -0.92 19.88
C PRO A 120 -48.21 -0.16 21.19
N THR A 121 -48.92 -0.80 22.11
CA THR A 121 -49.14 -0.22 23.43
C THR A 121 -47.87 -0.28 24.25
N GLU A 122 -47.10 0.80 24.25
CA GLU A 122 -45.79 0.84 24.88
C GLU A 122 -45.86 1.67 26.16
N ASP A 123 -45.40 1.09 27.27
CA ASP A 123 -45.42 1.74 28.58
C ASP A 123 -44.04 1.62 29.22
N PRO A 124 -43.09 2.46 28.84
CA PRO A 124 -41.77 2.42 29.47
C PRO A 124 -41.86 2.71 30.97
N THR A 125 -41.01 2.01 31.74
CA THR A 125 -40.84 2.21 33.17
C THR A 125 -42.10 1.82 33.95
N MET A 126 -43.14 1.38 33.24
CA MET A 126 -44.40 0.98 33.85
C MET A 126 -44.91 -0.33 33.27
N GLU A 127 -44.01 -1.17 32.76
CA GLU A 127 -44.38 -2.42 32.13
C GLU A 127 -43.20 -3.38 32.17
N ARG A 128 -43.48 -4.65 31.90
CA ARG A 128 -42.45 -5.70 31.86
C ARG A 128 -42.57 -6.47 30.54
N PRO A 129 -42.23 -5.82 29.42
CA PRO A 129 -42.34 -6.50 28.12
C PRO A 129 -41.32 -7.62 27.97
N TYR A 130 -40.05 -7.33 28.23
CA TYR A 130 -38.96 -8.29 28.11
C TYR A 130 -38.94 -8.94 26.73
N THR A 131 -39.20 -8.14 25.70
CA THR A 131 -39.31 -8.65 24.35
C THR A 131 -37.98 -8.57 23.59
N PHE A 132 -37.46 -7.35 23.42
CA PHE A 132 -36.22 -7.11 22.68
C PHE A 132 -36.30 -7.76 21.30
N LYS A 133 -37.22 -7.26 20.49
CA LYS A 133 -37.54 -7.91 19.23
C LYS A 133 -36.34 -7.91 18.29
N ASP A 134 -36.13 -9.03 17.61
CA ASP A 134 -35.01 -9.21 16.70
C ASP A 134 -35.43 -8.90 15.27
N PHE A 135 -34.57 -8.19 14.56
CA PHE A 135 -34.80 -7.88 13.15
C PHE A 135 -33.57 -8.31 12.35
N LEU A 136 -33.81 -8.93 11.20
CA LEU A 136 -32.73 -9.38 10.34
C LEU A 136 -32.07 -8.19 9.64
N LEU A 137 -30.74 -8.23 9.56
CA LEU A 137 -30.02 -7.21 8.82
C LEU A 137 -30.34 -7.31 7.33
N ARG A 138 -30.49 -6.15 6.69
CA ARG A 138 -30.86 -6.09 5.29
C ARG A 138 -29.73 -5.45 4.48
N PRO A 139 -29.22 -6.13 3.45
CA PRO A 139 -28.15 -5.54 2.64
C PRO A 139 -28.65 -4.36 1.83
N ARG A 140 -27.73 -3.44 1.52
CA ARG A 140 -28.04 -2.27 0.71
C ARG A 140 -27.45 -2.33 -0.68
N SER A 141 -26.30 -3.00 -0.85
CA SER A 141 -25.66 -3.12 -2.15
C SER A 141 -25.21 -4.57 -2.36
N HIS A 142 -25.04 -4.93 -3.62
CA HIS A 142 -24.61 -6.28 -3.95
C HIS A 142 -23.19 -6.57 -3.45
N LYS A 143 -22.41 -5.54 -3.16
CA LYS A 143 -21.08 -5.71 -2.58
C LYS A 143 -21.15 -5.65 -1.05
N SER A 144 -22.03 -6.45 -0.46
CA SER A 144 -22.21 -6.45 0.99
C SER A 144 -22.95 -7.70 1.41
N ARG A 145 -22.53 -8.28 2.53
CA ARG A 145 -23.16 -9.48 3.08
C ARG A 145 -23.50 -9.23 4.55
N VAL A 146 -24.67 -9.70 4.97
CA VAL A 146 -25.17 -9.47 6.32
C VAL A 146 -25.56 -10.80 6.94
N LYS A 147 -25.22 -11.00 8.21
CA LYS A 147 -25.59 -12.18 8.96
C LYS A 147 -25.91 -11.78 10.39
N GLY A 148 -26.98 -12.34 10.94
CA GLY A 148 -27.34 -12.12 12.33
C GLY A 148 -28.58 -11.25 12.47
N PHE A 149 -28.96 -11.03 13.73
CA PHE A 149 -30.13 -10.25 14.09
C PHE A 149 -29.72 -9.10 14.99
N LEU A 150 -30.51 -8.03 14.96
CA LEU A 150 -30.33 -6.88 15.82
C LEU A 150 -31.54 -6.76 16.75
N ARG A 151 -31.27 -6.56 18.03
CA ARG A 151 -32.32 -6.55 19.06
C ARG A 151 -32.69 -5.13 19.42
N LEU A 152 -34.00 -4.82 19.31
CA LEU A 152 -34.49 -3.46 19.46
C LEU A 152 -35.69 -3.45 20.39
N LYS A 153 -35.93 -2.28 21.00
CA LYS A 153 -37.08 -2.05 21.84
C LYS A 153 -37.57 -0.63 21.61
N MET A 154 -38.89 -0.46 21.60
CA MET A 154 -39.51 0.84 21.34
C MET A 154 -40.48 1.17 22.46
N ALA A 155 -40.58 2.46 22.80
CA ALA A 155 -41.43 2.87 23.90
C ALA A 155 -42.04 4.23 23.64
N TYR A 156 -43.36 4.35 23.85
CA TYR A 156 -44.04 5.64 23.77
C TYR A 156 -45.22 5.62 24.74
N MET A 157 -44.98 6.03 25.98
CA MET A 157 -46.04 6.16 26.97
C MET A 157 -46.78 7.50 26.91
N PRO A 158 -46.10 8.64 27.02
CA PRO A 158 -46.81 9.88 27.34
C PRO A 158 -47.54 10.47 26.14
N LYS A 159 -48.60 11.22 26.44
CA LYS A 159 -49.32 11.98 25.42
C LYS A 159 -50.12 13.08 26.12
N ASN A 160 -50.52 14.08 25.34
CA ASN A 160 -51.26 15.24 25.83
C ASN A 160 -50.52 15.94 26.96
N PRO A 195 -29.57 -1.50 -7.48
CA PRO A 195 -29.75 -0.89 -8.80
C PRO A 195 -28.59 0.03 -9.19
N PRO A 196 -27.46 -0.55 -9.60
CA PRO A 196 -26.32 0.28 -9.99
C PRO A 196 -26.65 1.10 -11.23
N PRO A 197 -26.10 2.31 -11.35
CA PRO A 197 -26.34 3.10 -12.54
C PRO A 197 -25.74 2.43 -13.77
N PRO A 198 -26.34 2.62 -14.94
CA PRO A 198 -25.79 2.02 -16.16
C PRO A 198 -24.42 2.61 -16.49
N LEU A 199 -23.58 1.79 -17.11
CA LEU A 199 -22.24 2.23 -17.46
C LEU A 199 -22.08 2.27 -18.98
N PRO A 200 -21.21 3.14 -19.48
CA PRO A 200 -21.01 3.20 -20.93
C PRO A 200 -20.42 1.91 -21.45
N PRO A 201 -20.65 1.59 -22.72
CA PRO A 201 -20.17 0.32 -23.26
C PRO A 201 -18.65 0.21 -23.16
N GLY A 202 -18.19 -1.00 -22.88
CA GLY A 202 -16.79 -1.27 -22.67
C GLY A 202 -16.31 -1.08 -21.25
N TRP A 203 -17.15 -0.56 -20.37
CA TRP A 203 -16.79 -0.31 -18.98
C TRP A 203 -17.31 -1.42 -18.09
N GLU A 204 -16.52 -1.76 -17.07
CA GLU A 204 -16.93 -2.79 -16.13
C GLU A 204 -16.19 -2.57 -14.81
N GLU A 205 -16.88 -2.86 -13.71
CA GLU A 205 -16.32 -2.65 -12.37
C GLU A 205 -15.73 -3.94 -11.84
N LYS A 206 -14.58 -3.83 -11.17
CA LYS A 206 -13.91 -4.96 -10.58
C LYS A 206 -13.52 -4.63 -9.15
N VAL A 207 -13.43 -5.66 -8.32
CA VAL A 207 -12.98 -5.56 -6.95
C VAL A 207 -11.68 -6.34 -6.84
N ASP A 208 -10.58 -5.63 -6.62
CA ASP A 208 -9.28 -6.27 -6.48
C ASP A 208 -9.22 -7.03 -5.15
N ASN A 209 -8.17 -7.83 -4.99
CA ASN A 209 -8.04 -8.67 -3.80
C ASN A 209 -7.94 -7.85 -2.52
N LEU A 210 -7.51 -6.59 -2.61
CA LEU A 210 -7.48 -5.74 -1.42
C LEU A 210 -8.88 -5.52 -0.87
N GLY A 211 -9.85 -5.28 -1.75
CA GLY A 211 -11.21 -5.04 -1.31
C GLY A 211 -11.80 -3.77 -1.89
N ARG A 212 -10.96 -2.93 -2.49
CA ARG A 212 -11.43 -1.71 -3.11
C ARG A 212 -12.04 -2.03 -4.48
N THR A 213 -12.50 -0.99 -5.16
CA THR A 213 -13.15 -1.15 -6.46
C THR A 213 -12.52 -0.21 -7.48
N TYR A 214 -12.50 -0.65 -8.73
CA TYR A 214 -11.98 0.16 -9.82
C TYR A 214 -12.68 -0.20 -11.12
N TYR A 215 -12.81 0.80 -11.99
CA TYR A 215 -13.53 0.63 -13.25
C TYR A 215 -12.53 0.52 -14.39
N VAL A 216 -12.69 -0.51 -15.22
CA VAL A 216 -11.80 -0.78 -16.34
C VAL A 216 -12.61 -0.65 -17.63
N ASN A 217 -12.05 0.07 -18.60
CA ASN A 217 -12.67 0.31 -19.89
C ASN A 217 -11.90 -0.45 -20.96
N HIS A 218 -12.62 -1.28 -21.72
CA HIS A 218 -12.04 -2.02 -22.82
C HIS A 218 -11.98 -1.22 -24.11
N ASN A 219 -12.74 -0.13 -24.21
CA ASN A 219 -12.73 0.67 -25.42
C ASN A 219 -11.36 1.27 -25.67
N ASN A 220 -10.72 1.78 -24.62
CA ASN A 220 -9.37 2.31 -24.70
C ASN A 220 -8.38 1.53 -23.85
N ARG A 221 -8.81 0.45 -23.21
CA ARG A 221 -7.95 -0.43 -22.42
C ARG A 221 -7.25 0.36 -21.31
N THR A 222 -8.06 0.89 -20.39
CA THR A 222 -7.52 1.72 -19.31
C THR A 222 -8.33 1.53 -18.04
N THR A 223 -7.65 1.51 -16.90
CA THR A 223 -8.29 1.34 -15.61
C THR A 223 -8.20 2.64 -14.81
N GLN A 224 -9.23 2.91 -14.01
CA GLN A 224 -9.28 4.12 -13.21
C GLN A 224 -10.10 3.84 -11.95
N TRP A 225 -10.13 4.83 -11.06
CA TRP A 225 -10.74 4.69 -9.74
C TRP A 225 -12.11 5.34 -9.63
N HIS A 226 -12.30 6.52 -10.21
CA HIS A 226 -13.57 7.22 -10.09
C HIS A 226 -14.63 6.53 -10.92
N ARG A 227 -15.85 7.08 -10.86
CA ARG A 227 -16.97 6.52 -11.60
C ARG A 227 -16.73 6.63 -13.09
N PRO A 228 -17.34 5.74 -13.89
CA PRO A 228 -17.13 5.77 -15.34
C PRO A 228 -17.53 7.13 -15.92
N SER A 229 -16.78 7.55 -16.94
CA SER A 229 -17.00 8.84 -17.54
C SER A 229 -18.37 8.91 -18.20
N LEU A 230 -18.88 10.14 -18.34
CA LEU A 230 -20.17 10.39 -18.96
C LEU A 230 -20.02 10.31 -20.48
N MET A 231 -21.02 10.82 -21.20
CA MET A 231 -20.99 10.83 -22.66
C MET A 231 -19.63 11.30 -23.17
N ASP A 232 -19.03 10.49 -24.05
CA ASP A 232 -17.63 10.68 -24.42
C ASP A 232 -17.41 12.03 -25.09
N VAL A 233 -18.19 12.31 -26.14
CA VAL A 233 -18.13 13.52 -26.96
C VAL A 233 -16.67 13.91 -27.23
N SER A 234 -15.82 12.90 -27.39
CA SER A 234 -14.37 13.11 -27.55
C SER A 234 -14.07 13.56 -28.98
N SER A 235 -14.39 14.82 -29.25
CA SER A 235 -14.08 15.40 -30.55
C SER A 235 -12.61 15.84 -30.61
N GLU A 236 -12.24 16.80 -29.79
CA GLU A 236 -10.84 17.17 -29.64
C GLU A 236 -10.39 17.26 -28.19
N SER A 237 -11.26 17.77 -27.30
CA SER A 237 -10.84 18.07 -25.94
C SER A 237 -10.57 16.80 -25.13
N ASP A 238 -11.51 15.84 -25.17
CA ASP A 238 -11.37 14.65 -24.35
C ASP A 238 -10.18 13.81 -24.78
N ASN A 239 -9.98 13.64 -26.08
CA ASN A 239 -8.82 12.92 -26.57
C ASN A 239 -7.53 13.71 -26.37
N ASN A 240 -7.61 15.05 -26.33
CA ASN A 240 -6.43 15.84 -26.01
C ASN A 240 -6.06 15.74 -24.53
N ILE A 241 -7.03 15.41 -23.67
CA ILE A 241 -6.73 15.21 -22.27
C ILE A 241 -5.74 14.07 -22.09
N ARG A 242 -5.95 12.97 -22.82
CA ARG A 242 -4.96 11.90 -22.81
C ARG A 242 -3.65 12.34 -23.43
N GLN A 243 -3.72 13.20 -24.46
CA GLN A 243 -2.51 13.68 -25.12
C GLN A 243 -1.68 14.54 -24.17
N ILE A 244 -2.32 15.52 -23.51
CA ILE A 244 -1.59 16.37 -22.59
C ILE A 244 -1.11 15.57 -21.38
N ASN A 245 -1.87 14.54 -20.98
CA ASN A 245 -1.43 13.70 -19.87
C ASN A 245 -0.15 12.97 -20.22
N GLN A 246 -0.05 12.43 -21.44
CA GLN A 246 1.20 11.80 -21.88
C GLN A 246 2.31 12.83 -21.98
N GLU A 247 2.02 14.00 -22.56
CA GLU A 247 3.06 15.01 -22.72
C GLU A 247 3.56 15.50 -21.37
N ALA A 248 2.65 15.73 -20.42
CA ALA A 248 3.06 16.14 -19.08
C ALA A 248 3.90 15.07 -18.40
N ALA A 249 3.48 13.81 -18.51
CA ALA A 249 4.21 12.72 -17.87
C ALA A 249 5.55 12.47 -18.53
N HIS A 250 5.65 12.71 -19.85
CA HIS A 250 6.90 12.42 -20.56
C HIS A 250 8.01 13.37 -20.13
N ARG A 251 7.68 14.63 -19.87
CA ARG A 251 8.68 15.55 -19.33
C ARG A 251 9.15 15.13 -17.95
N ARG A 252 8.25 14.53 -17.15
CA ARG A 252 8.62 14.06 -15.82
C ARG A 252 9.68 12.98 -15.91
N PHE A 253 9.55 12.06 -16.86
CA PHE A 253 10.52 10.97 -16.97
C PHE A 253 11.91 11.50 -17.30
N ARG A 254 11.99 12.46 -18.22
CA ARG A 254 13.30 13.03 -18.55
C ARG A 254 13.82 13.96 -17.48
N SER A 255 12.98 14.36 -16.51
CA SER A 255 13.47 15.20 -15.43
C SER A 255 14.33 14.41 -14.46
N ARG A 256 13.94 13.16 -14.16
CA ARG A 256 14.70 12.33 -13.25
C ARG A 256 16.00 11.87 -13.90
N ARG A 257 17.04 11.76 -13.08
CA ARG A 257 18.38 11.46 -13.56
C ARG A 257 18.94 10.26 -12.82
N HIS A 258 19.79 9.50 -13.50
CA HIS A 258 20.42 8.33 -12.90
C HIS A 258 21.53 8.77 -11.95
N ILE A 259 21.96 7.82 -11.10
CA ILE A 259 22.91 8.14 -10.04
C ILE A 259 24.27 8.52 -10.64
N SER A 260 24.73 7.78 -11.64
CA SER A 260 26.03 8.08 -12.23
C SER A 260 26.06 9.47 -12.86
N GLU A 261 25.00 9.82 -13.58
CA GLU A 261 24.90 11.14 -14.22
C GLU A 261 24.29 12.18 -13.29
N ASP A 262 24.88 12.31 -12.10
CA ASP A 262 24.37 13.24 -11.10
C ASP A 262 25.47 14.19 -10.65
N LEU A 531 39.88 -16.62 -6.97
CA LEU A 531 40.30 -15.23 -6.79
C LEU A 531 39.59 -14.31 -7.79
N GLY A 532 38.95 -13.26 -7.27
CA GLY A 532 38.26 -12.32 -8.11
C GLY A 532 36.83 -12.02 -7.69
N PRO A 533 36.06 -13.03 -7.28
CA PRO A 533 34.73 -12.76 -6.71
C PRO A 533 34.82 -12.37 -5.23
N LEU A 534 33.72 -11.81 -4.75
CA LEU A 534 33.57 -11.43 -3.36
C LEU A 534 32.20 -11.88 -2.88
N PRO A 535 32.05 -12.15 -1.58
CA PRO A 535 30.74 -12.53 -1.07
C PRO A 535 29.75 -11.39 -1.24
N PRO A 536 28.47 -11.72 -1.44
CA PRO A 536 27.47 -10.65 -1.64
C PRO A 536 27.39 -9.74 -0.42
N GLY A 537 27.23 -8.44 -0.69
CA GLY A 537 27.20 -7.44 0.34
C GLY A 537 28.54 -6.87 0.74
N TRP A 538 29.64 -7.43 0.22
CA TRP A 538 30.98 -6.93 0.50
C TRP A 538 31.48 -6.13 -0.69
N GLU A 539 32.04 -4.95 -0.41
CA GLU A 539 32.59 -4.12 -1.46
C GLU A 539 33.84 -3.41 -0.96
N GLU A 540 34.69 -3.01 -1.90
CA GLU A 540 35.97 -2.39 -1.62
C GLU A 540 35.84 -0.88 -1.64
N ARG A 541 36.60 -0.22 -0.77
CA ARG A 541 36.63 1.24 -0.71
C ARG A 541 38.07 1.69 -0.52
N ILE A 542 38.35 2.92 -0.93
CA ILE A 542 39.69 3.49 -0.89
C ILE A 542 39.74 4.56 0.18
N HIS A 543 40.65 4.39 1.13
CA HIS A 543 40.92 5.35 2.20
C HIS A 543 42.18 6.15 1.85
N LEU A 544 42.28 7.33 2.46
CA LEU A 544 43.38 8.24 2.20
C LEU A 544 44.73 7.57 2.49
N ASP A 545 45.78 8.20 1.99
CA ASP A 545 47.15 7.66 2.05
C ASP A 545 47.25 6.34 1.30
N GLY A 546 46.42 6.17 0.28
CA GLY A 546 46.45 4.97 -0.55
C GLY A 546 46.17 3.70 0.20
N ARG A 547 44.96 3.54 0.70
CA ARG A 547 44.57 2.35 1.45
C ARG A 547 43.35 1.71 0.80
N THR A 548 43.28 0.39 0.86
CA THR A 548 42.16 -0.38 0.33
C THR A 548 41.57 -1.21 1.45
N PHE A 549 40.26 -1.07 1.68
CA PHE A 549 39.61 -1.83 2.74
C PHE A 549 38.27 -2.35 2.24
N TYR A 550 37.95 -3.58 2.64
CA TYR A 550 36.70 -4.23 2.24
C TYR A 550 35.71 -4.15 3.40
N ILE A 551 34.48 -3.75 3.08
CA ILE A 551 33.43 -3.60 4.08
C ILE A 551 32.22 -4.42 3.66
N ASP A 552 31.37 -4.72 4.62
CA ASP A 552 30.16 -5.50 4.41
C ASP A 552 28.94 -4.63 4.62
N HIS A 553 28.06 -4.57 3.63
CA HIS A 553 26.80 -3.85 3.77
C HIS A 553 25.70 -4.70 4.39
N ASN A 554 25.95 -5.99 4.58
CA ASN A 554 25.13 -6.82 5.44
C ASN A 554 25.70 -6.73 6.84
N SER A 555 25.01 -6.01 7.72
CA SER A 555 25.49 -5.61 9.04
C SER A 555 26.62 -4.59 8.92
N LYS A 556 26.68 -3.64 9.85
CA LYS A 556 27.59 -2.51 9.74
C LYS A 556 28.97 -2.94 10.23
N ILE A 557 29.75 -3.54 9.33
CA ILE A 557 31.07 -4.06 9.67
C ILE A 557 32.08 -3.50 8.68
N THR A 558 33.21 -3.02 9.20
CA THR A 558 34.31 -2.51 8.38
C THR A 558 35.59 -3.27 8.74
N GLN A 559 36.30 -3.74 7.73
CA GLN A 559 37.50 -4.54 7.94
C GLN A 559 38.59 -4.09 6.98
N TRP A 560 39.83 -4.41 7.34
CA TRP A 560 40.98 -4.04 6.53
C TRP A 560 41.37 -5.14 5.54
N GLU A 561 41.70 -6.32 6.05
CA GLU A 561 42.11 -7.41 5.18
C GLU A 561 40.90 -8.00 4.46
N ASP A 562 41.18 -8.62 3.32
CA ASP A 562 40.13 -9.20 2.51
C ASP A 562 39.46 -10.36 3.27
N PRO A 563 38.12 -10.42 3.28
CA PRO A 563 37.44 -11.47 4.06
C PRO A 563 37.74 -12.88 3.58
N ARG A 564 38.21 -13.05 2.35
CA ARG A 564 38.43 -14.38 1.80
C ARG A 564 39.64 -15.02 2.47
N LEU A 565 39.38 -16.01 3.34
CA LEU A 565 40.38 -16.89 3.93
C LEU A 565 41.37 -16.17 4.85
N GLN A 566 41.24 -14.86 4.99
CA GLN A 566 42.10 -14.10 5.89
C GLN A 566 41.46 -13.92 7.26
N ASN A 567 41.04 -15.04 7.86
CA ASN A 567 40.41 -15.00 9.18
C ASN A 567 41.33 -14.49 10.28
N PRO A 568 42.58 -14.96 10.41
CA PRO A 568 43.41 -14.47 11.52
C PRO A 568 43.62 -12.96 11.52
N ALA A 569 43.68 -12.33 10.36
CA ALA A 569 43.88 -10.88 10.27
C ALA A 569 42.51 -10.21 10.35
N ILE A 570 42.10 -9.84 11.56
CA ILE A 570 40.82 -9.21 11.83
C ILE A 570 40.98 -8.28 13.02
N THR A 571 39.93 -7.50 13.31
CA THR A 571 39.91 -6.54 14.42
C THR A 571 41.03 -5.51 14.29
N GLY A 572 40.96 -4.73 13.22
CA GLY A 572 41.89 -3.65 12.99
C GLY A 572 41.22 -2.30 13.10
N PRO A 573 42.02 -1.23 13.04
CA PRO A 573 41.47 0.14 13.12
C PRO A 573 40.82 0.59 11.82
N ALA A 574 39.75 -0.09 11.44
CA ALA A 574 39.05 0.24 10.21
C ALA A 574 38.31 1.56 10.34
N VAL A 575 37.97 2.15 9.20
CA VAL A 575 37.29 3.44 9.15
C VAL A 575 35.88 3.28 9.70
N PRO A 576 35.27 4.35 10.20
CA PRO A 576 33.86 4.25 10.63
C PRO A 576 32.97 3.87 9.46
N TYR A 577 31.92 3.11 9.78
CA TYR A 577 31.00 2.65 8.75
C TYR A 577 30.29 3.84 8.09
N SER A 578 30.17 3.79 6.77
CA SER A 578 29.47 4.81 6.01
C SER A 578 28.78 4.15 4.84
N ARG A 579 27.59 4.64 4.51
CA ARG A 579 26.79 4.11 3.41
C ARG A 579 26.73 5.17 2.31
N GLU A 580 27.58 5.02 1.30
CA GLU A 580 27.64 5.94 0.17
C GLU A 580 27.11 5.26 -1.07
N PHE A 581 26.20 5.93 -1.76
CA PHE A 581 25.52 5.31 -2.90
C PHE A 581 26.29 5.48 -4.20
N LYS A 582 26.90 6.65 -4.43
CA LYS A 582 27.59 6.89 -5.69
C LYS A 582 28.74 5.91 -5.88
N GLN A 583 29.57 5.73 -4.84
CA GLN A 583 30.66 4.77 -4.94
C GLN A 583 30.14 3.35 -5.06
N LYS A 584 29.02 3.04 -4.42
CA LYS A 584 28.44 1.71 -4.53
C LYS A 584 28.04 1.41 -5.96
N TYR A 585 27.35 2.36 -6.61
CA TYR A 585 26.98 2.17 -8.01
C TYR A 585 28.21 2.13 -8.90
N ASP A 586 29.24 2.91 -8.56
CA ASP A 586 30.46 2.90 -9.35
C ASP A 586 31.11 1.52 -9.31
N TYR A 587 31.21 0.92 -8.12
CA TYR A 587 31.76 -0.42 -8.02
C TYR A 587 30.88 -1.44 -8.73
N PHE A 588 29.56 -1.29 -8.61
CA PHE A 588 28.65 -2.20 -9.31
C PHE A 588 28.87 -2.17 -10.81
N ARG A 589 28.89 -0.98 -11.40
CA ARG A 589 29.08 -0.88 -12.84
C ARG A 589 30.50 -1.27 -13.25
N LYS A 590 31.47 -1.13 -12.34
CA LYS A 590 32.81 -1.61 -12.63
C LYS A 590 32.85 -3.13 -12.71
N LYS A 591 32.13 -3.81 -11.82
CA LYS A 591 32.20 -5.26 -11.79
C LYS A 591 31.44 -5.89 -12.95
N LEU A 592 30.26 -5.35 -13.28
CA LEU A 592 29.44 -5.92 -14.34
C LEU A 592 30.12 -5.77 -15.69
N LYS A 593 30.19 -6.86 -16.45
CA LYS A 593 30.86 -6.86 -17.74
C LYS A 593 30.19 -7.89 -18.65
N LYS A 594 30.40 -7.72 -19.95
CA LYS A 594 29.92 -8.68 -20.94
C LYS A 594 31.09 -9.48 -21.47
N PRO A 595 31.24 -10.75 -21.11
CA PRO A 595 32.34 -11.56 -21.61
C PRO A 595 32.04 -12.13 -22.99
N ALA A 596 33.03 -12.80 -23.56
CA ALA A 596 32.91 -13.54 -24.82
C ALA A 596 32.56 -12.56 -25.95
N ASP A 597 31.81 -13.04 -26.94
CA ASP A 597 31.46 -12.25 -28.11
C ASP A 597 29.95 -12.21 -28.28
N ILE A 598 29.48 -11.19 -28.98
CA ILE A 598 28.05 -10.98 -29.20
C ILE A 598 27.87 -10.09 -30.43
N PRO A 599 26.75 -10.17 -31.14
CA PRO A 599 26.51 -9.22 -32.24
C PRO A 599 26.53 -7.79 -31.72
N ASN A 600 27.10 -6.90 -32.54
CA ASN A 600 27.31 -5.52 -32.13
C ASN A 600 26.14 -4.60 -32.45
N ARG A 601 25.03 -5.14 -32.98
CA ARG A 601 23.86 -4.33 -33.32
C ARG A 601 22.61 -5.17 -33.06
N PHE A 602 22.02 -4.98 -31.89
CA PHE A 602 20.74 -5.62 -31.54
C PHE A 602 19.63 -4.65 -31.95
N GLU A 603 19.12 -4.83 -33.16
CA GLU A 603 18.15 -3.92 -33.75
C GLU A 603 16.74 -4.52 -33.68
N MET A 604 15.78 -3.68 -33.33
CA MET A 604 14.38 -4.08 -33.25
C MET A 604 13.52 -3.03 -33.92
N LYS A 605 12.36 -3.45 -34.42
CA LYS A 605 11.39 -2.55 -35.03
C LYS A 605 10.06 -2.69 -34.29
N LEU A 606 9.43 -1.56 -33.99
CA LEU A 606 8.20 -1.55 -33.20
C LEU A 606 7.16 -0.63 -33.82
N HIS A 607 5.90 -0.99 -33.64
CA HIS A 607 4.76 -0.12 -33.89
C HIS A 607 4.24 0.40 -32.56
N ARG A 608 3.85 1.67 -32.54
CA ARG A 608 3.50 2.31 -31.27
C ARG A 608 2.34 1.59 -30.59
N ASN A 609 1.23 1.42 -31.30
CA ASN A 609 0.02 0.86 -30.69
C ASN A 609 0.21 -0.57 -30.23
N ASN A 610 1.20 -1.29 -30.76
CA ASN A 610 1.48 -2.65 -30.37
C ASN A 610 2.82 -2.77 -29.65
N ILE A 611 3.27 -1.68 -29.01
CA ILE A 611 4.60 -1.65 -28.42
C ILE A 611 4.78 -2.79 -27.43
N PHE A 612 3.77 -3.03 -26.59
CA PHE A 612 3.87 -4.13 -25.64
C PHE A 612 3.77 -5.48 -26.35
N GLU A 613 2.92 -5.58 -27.37
CA GLU A 613 2.65 -6.88 -27.98
C GLU A 613 3.84 -7.36 -28.80
N GLU A 614 4.22 -6.58 -29.81
CA GLU A 614 5.29 -7.00 -30.72
C GLU A 614 6.57 -7.29 -29.96
N SER A 615 6.88 -6.48 -28.95
CA SER A 615 8.09 -6.69 -28.17
C SER A 615 8.12 -8.09 -27.57
N TYR A 616 6.98 -8.56 -27.07
CA TYR A 616 6.94 -9.88 -26.45
C TYR A 616 7.31 -11.00 -27.41
N ARG A 617 7.14 -10.78 -28.72
CA ARG A 617 7.51 -11.79 -29.69
C ARG A 617 8.96 -11.70 -30.14
N ARG A 618 9.70 -10.69 -29.68
CA ARG A 618 11.12 -10.57 -30.00
C ARG A 618 12.01 -10.63 -28.77
N ILE A 619 11.73 -9.80 -27.76
CA ILE A 619 12.61 -9.75 -26.60
C ILE A 619 12.58 -11.07 -25.84
N MET A 620 11.49 -11.81 -25.94
CA MET A 620 11.41 -13.09 -25.25
C MET A 620 11.85 -14.25 -26.15
N SER A 621 11.58 -14.16 -27.45
CA SER A 621 11.92 -15.24 -28.37
C SER A 621 13.41 -15.41 -28.58
N VAL A 622 14.25 -14.63 -27.89
CA VAL A 622 15.69 -14.74 -28.06
C VAL A 622 16.17 -16.07 -27.48
N LYS A 623 17.13 -16.70 -28.16
CA LYS A 623 17.62 -17.99 -27.69
C LYS A 623 18.48 -17.85 -26.44
N ARG A 624 19.38 -16.87 -26.42
CA ARG A 624 20.29 -16.71 -25.31
C ARG A 624 20.26 -15.28 -24.79
N PRO A 625 20.48 -15.08 -23.49
CA PRO A 625 20.43 -13.72 -22.94
C PRO A 625 21.63 -12.86 -23.28
N ASP A 626 22.73 -13.45 -23.75
CA ASP A 626 23.93 -12.68 -24.05
C ASP A 626 23.66 -11.63 -25.14
N VAL A 627 22.79 -11.96 -26.11
CA VAL A 627 22.45 -11.00 -27.16
C VAL A 627 21.85 -9.75 -26.56
N LEU A 628 21.19 -9.87 -25.41
CA LEU A 628 20.62 -8.70 -24.74
C LEU A 628 21.71 -7.75 -24.26
N LYS A 629 22.87 -8.27 -23.85
CA LYS A 629 23.90 -7.42 -23.28
C LYS A 629 24.50 -6.46 -24.31
N ALA A 630 24.24 -6.67 -25.60
CA ALA A 630 24.78 -5.78 -26.61
C ALA A 630 24.05 -4.44 -26.60
N ARG A 631 24.57 -3.49 -27.37
CA ARG A 631 23.93 -2.19 -27.48
C ARG A 631 22.58 -2.32 -28.17
N LEU A 632 21.60 -1.56 -27.68
CA LEU A 632 20.23 -1.65 -28.16
C LEU A 632 19.97 -0.61 -29.24
N TRP A 633 19.22 -1.01 -30.27
CA TRP A 633 18.82 -0.13 -31.35
C TRP A 633 17.35 -0.34 -31.63
N ILE A 634 16.60 0.75 -31.71
CA ILE A 634 15.14 0.70 -31.86
C ILE A 634 14.75 1.51 -33.08
N GLU A 635 13.75 1.02 -33.82
CA GLU A 635 13.21 1.72 -34.98
C GLU A 635 11.70 1.72 -34.89
N PHE A 636 11.12 2.90 -34.75
CA PHE A 636 9.67 3.05 -34.66
C PHE A 636 9.09 3.28 -36.04
N GLU A 637 7.85 2.82 -36.22
CA GLU A 637 7.19 2.94 -37.52
C GLU A 637 6.95 4.41 -37.85
N SER A 638 7.20 4.78 -39.10
CA SER A 638 7.08 6.15 -39.57
C SER A 638 7.95 7.11 -38.77
N GLU A 639 9.15 6.64 -38.41
CA GLU A 639 10.11 7.44 -37.66
C GLU A 639 11.49 7.29 -38.27
N LYS A 640 12.18 8.41 -38.48
CA LYS A 640 13.54 8.38 -39.00
C LYS A 640 14.44 9.37 -38.26
N GLY A 641 14.15 9.63 -37.00
CA GLY A 641 14.98 10.51 -36.21
C GLY A 641 16.28 9.85 -35.78
N LEU A 642 17.14 10.66 -35.15
CA LEU A 642 18.42 10.16 -34.69
C LEU A 642 18.23 9.25 -33.48
N ASP A 643 19.19 8.34 -33.29
CA ASP A 643 19.13 7.33 -32.24
C ASP A 643 20.25 7.51 -31.21
N TYR A 644 20.44 8.75 -30.76
CA TYR A 644 21.52 9.07 -29.84
C TYR A 644 21.17 8.69 -28.41
N GLY A 645 20.74 7.45 -28.20
CA GLY A 645 20.41 7.00 -26.86
C GLY A 645 19.20 7.67 -26.25
N GLY A 646 18.37 8.32 -27.05
CA GLY A 646 17.17 8.95 -26.56
C GLY A 646 15.93 8.20 -27.00
N VAL A 647 15.97 7.65 -28.21
CA VAL A 647 14.85 6.85 -28.70
C VAL A 647 14.70 5.59 -27.85
N ALA A 648 15.83 5.01 -27.42
CA ALA A 648 15.76 3.87 -26.52
C ALA A 648 15.16 4.27 -25.18
N ARG A 649 15.47 5.49 -24.71
CA ARG A 649 14.90 5.96 -23.45
C ARG A 649 13.39 6.13 -23.56
N GLU A 650 12.91 6.72 -24.65
CA GLU A 650 11.48 6.86 -24.87
C GLU A 650 10.81 5.50 -25.02
N TRP A 651 11.48 4.57 -25.69
CA TRP A 651 10.97 3.21 -25.81
C TRP A 651 10.81 2.56 -24.45
N PHE A 652 11.82 2.71 -23.59
CA PHE A 652 11.73 2.17 -22.24
C PHE A 652 10.58 2.79 -21.47
N PHE A 653 10.42 4.12 -21.56
CA PHE A 653 9.34 4.77 -20.83
C PHE A 653 7.98 4.28 -21.32
N LEU A 654 7.79 4.21 -22.64
CA LEU A 654 6.49 3.83 -23.17
C LEU A 654 6.17 2.36 -22.89
N LEU A 655 7.16 1.48 -23.05
CA LEU A 655 6.96 0.08 -22.73
C LEU A 655 6.65 -0.10 -21.25
N SER A 656 7.33 0.65 -20.38
CA SER A 656 7.05 0.58 -18.96
C SER A 656 5.65 1.07 -18.63
N LYS A 657 5.23 2.17 -19.25
CA LYS A 657 3.90 2.68 -18.99
C LYS A 657 2.82 1.72 -19.49
N GLU A 658 3.09 1.00 -20.57
CA GLU A 658 2.11 0.02 -21.05
C GLU A 658 2.10 -1.24 -20.20
N MET A 659 3.28 -1.71 -19.76
CA MET A 659 3.36 -2.96 -19.01
C MET A 659 2.69 -2.84 -17.64
N PHE A 660 3.03 -1.81 -16.87
CA PHE A 660 2.55 -1.65 -15.51
C PHE A 660 1.12 -1.08 -15.50
N ASN A 661 0.21 -1.86 -16.08
CA ASN A 661 -1.20 -1.52 -16.12
C ASN A 661 -2.02 -2.60 -15.43
N PRO A 662 -2.92 -2.23 -14.52
CA PRO A 662 -3.77 -3.25 -13.87
C PRO A 662 -4.70 -3.96 -14.84
N TYR A 663 -4.90 -3.41 -16.05
CA TYR A 663 -5.79 -4.05 -17.01
C TYR A 663 -5.33 -5.46 -17.34
N TYR A 664 -4.03 -5.64 -17.57
CA TYR A 664 -3.50 -6.97 -17.85
C TYR A 664 -3.51 -7.86 -16.61
N GLY A 665 -3.70 -7.28 -15.42
CA GLY A 665 -3.78 -8.06 -14.20
C GLY A 665 -2.46 -8.48 -13.62
N LEU A 666 -1.34 -8.14 -14.27
CA LEU A 666 -0.03 -8.52 -13.75
C LEU A 666 0.26 -7.80 -12.44
N PHE A 667 -0.09 -6.52 -12.34
CA PHE A 667 0.18 -5.73 -11.15
C PHE A 667 -1.07 -4.98 -10.74
N GLU A 668 -1.27 -4.84 -9.43
CA GLU A 668 -2.38 -4.09 -8.86
C GLU A 668 -1.85 -3.08 -7.86
N TYR A 669 -2.61 -2.02 -7.66
CA TYR A 669 -2.17 -0.94 -6.79
C TYR A 669 -2.07 -1.41 -5.35
N SER A 670 -1.15 -0.80 -4.61
CA SER A 670 -0.84 -1.20 -3.24
C SER A 670 -1.95 -0.74 -2.31
N ALA A 671 -1.76 -0.94 -1.00
CA ALA A 671 -2.74 -0.54 0.00
C ALA A 671 -2.33 0.70 0.78
N THR A 672 -1.02 0.93 0.96
CA THR A 672 -0.58 2.12 1.68
C THR A 672 -0.77 3.40 0.86
N ASP A 673 -0.86 3.28 -0.46
CA ASP A 673 -1.03 4.43 -1.33
C ASP A 673 -1.97 4.02 -2.47
N ASN A 674 -2.05 4.86 -3.51
CA ASN A 674 -2.81 4.52 -4.70
C ASN A 674 -2.08 4.90 -5.97
N TYR A 675 -0.75 4.96 -5.94
CA TYR A 675 0.05 5.26 -7.14
C TYR A 675 1.28 4.38 -7.23
N THR A 676 1.28 3.25 -6.53
CA THR A 676 2.35 2.26 -6.61
C THR A 676 1.75 0.91 -6.99
N LEU A 677 2.61 -0.01 -7.40
CA LEU A 677 2.17 -1.30 -7.94
C LEU A 677 2.83 -2.45 -7.19
N GLN A 678 2.10 -3.56 -7.11
CA GLN A 678 2.59 -4.79 -6.49
C GLN A 678 2.06 -5.97 -7.28
N ILE A 679 2.70 -7.12 -7.09
CA ILE A 679 2.27 -8.34 -7.78
C ILE A 679 0.91 -8.75 -7.27
N ASN A 680 -0.01 -9.03 -8.19
CA ASN A 680 -1.37 -9.39 -7.80
C ASN A 680 -1.43 -10.86 -7.43
N PRO A 681 -1.76 -11.21 -6.19
CA PRO A 681 -1.86 -12.63 -5.82
C PRO A 681 -2.93 -13.38 -6.58
N ASN A 682 -3.93 -12.70 -7.12
CA ASN A 682 -4.98 -13.32 -7.91
C ASN A 682 -4.72 -13.22 -9.40
N SER A 683 -3.44 -13.19 -9.80
CA SER A 683 -3.10 -13.06 -11.21
C SER A 683 -3.41 -14.31 -12.01
N GLY A 684 -3.58 -15.46 -11.35
CA GLY A 684 -3.87 -16.68 -12.08
C GLY A 684 -5.21 -16.63 -12.79
N LEU A 685 -6.22 -16.06 -12.15
CA LEU A 685 -7.55 -16.02 -12.74
C LEU A 685 -7.62 -15.07 -13.92
N CYS A 686 -7.01 -13.88 -13.78
CA CYS A 686 -7.12 -12.88 -14.84
C CYS A 686 -6.43 -13.32 -16.12
N ASN A 687 -5.26 -13.95 -16.01
CA ASN A 687 -4.53 -14.41 -17.17
C ASN A 687 -3.97 -15.81 -16.90
N GLU A 688 -4.06 -16.67 -17.92
CA GLU A 688 -3.63 -18.06 -17.79
C GLU A 688 -2.12 -18.23 -17.94
N ASP A 689 -1.41 -17.24 -18.45
CA ASP A 689 0.01 -17.36 -18.74
C ASP A 689 0.79 -16.24 -18.07
N HIS A 690 0.54 -16.03 -16.78
CA HIS A 690 1.26 -15.01 -16.04
C HIS A 690 2.75 -15.31 -15.97
N LEU A 691 3.12 -16.59 -16.05
CA LEU A 691 4.53 -16.96 -15.96
C LEU A 691 5.35 -16.33 -17.08
N SER A 692 4.89 -16.48 -18.32
CA SER A 692 5.67 -15.98 -19.46
C SER A 692 5.77 -14.45 -19.45
N TYR A 693 4.67 -13.77 -19.15
CA TYR A 693 4.71 -12.31 -19.08
C TYR A 693 5.59 -11.84 -17.94
N PHE A 694 5.58 -12.53 -16.81
CA PHE A 694 6.46 -12.13 -15.71
C PHE A 694 7.92 -12.34 -16.06
N THR A 695 8.24 -13.41 -16.79
CA THR A 695 9.62 -13.57 -17.26
C THR A 695 9.99 -12.47 -18.25
N PHE A 696 9.03 -12.06 -19.10
CA PHE A 696 9.25 -10.96 -20.03
C PHE A 696 9.57 -9.67 -19.28
N ILE A 697 8.80 -9.38 -18.23
CA ILE A 697 9.03 -8.18 -17.44
C ILE A 697 10.36 -8.26 -16.70
N GLY A 698 10.72 -9.46 -16.22
CA GLY A 698 12.03 -9.62 -15.61
C GLY A 698 13.16 -9.33 -16.59
N ARG A 699 13.02 -9.81 -17.83
CA ARG A 699 14.03 -9.52 -18.84
C ARG A 699 14.10 -8.03 -19.14
N VAL A 700 12.96 -7.36 -19.23
CA VAL A 700 12.96 -5.92 -19.48
C VAL A 700 13.66 -5.18 -18.35
N ALA A 701 13.36 -5.55 -17.11
CA ALA A 701 14.00 -4.89 -15.97
C ALA A 701 15.51 -5.14 -15.96
N GLY A 702 15.91 -6.38 -16.22
CA GLY A 702 17.33 -6.68 -16.28
C GLY A 702 18.05 -5.88 -17.36
N LEU A 703 17.44 -5.78 -18.54
CA LEU A 703 18.04 -5.00 -19.62
C LEU A 703 18.12 -3.54 -19.25
N ALA A 704 17.08 -3.01 -18.60
CA ALA A 704 17.08 -1.60 -18.20
C ALA A 704 18.20 -1.32 -17.21
N VAL A 705 18.41 -2.21 -16.25
CA VAL A 705 19.49 -2.01 -15.29
C VAL A 705 20.84 -2.16 -15.97
N PHE A 706 20.95 -3.12 -16.90
CA PHE A 706 22.24 -3.37 -17.54
C PHE A 706 22.68 -2.20 -18.41
N HIS A 707 21.81 -1.72 -19.28
CA HIS A 707 22.18 -0.62 -20.16
C HIS A 707 22.26 0.71 -19.45
N GLY A 708 21.82 0.79 -18.19
CA GLY A 708 21.87 2.03 -17.45
C GLY A 708 20.73 2.99 -17.71
N LYS A 709 19.71 2.56 -18.46
CA LYS A 709 18.56 3.41 -18.71
C LYS A 709 17.66 3.45 -17.48
N LEU A 710 16.56 4.19 -17.59
CA LEU A 710 15.63 4.38 -16.48
C LEU A 710 14.30 3.69 -16.79
N LEU A 711 13.75 3.00 -15.80
CA LEU A 711 12.51 2.26 -15.94
C LEU A 711 11.46 2.91 -15.04
N ASP A 712 10.34 3.32 -15.62
CA ASP A 712 9.30 4.04 -14.88
C ASP A 712 8.30 3.06 -14.27
N GLY A 713 8.82 2.19 -13.40
CA GLY A 713 7.97 1.30 -12.64
C GLY A 713 8.34 1.23 -11.18
N PHE A 714 7.43 1.64 -10.31
CA PHE A 714 7.69 1.68 -8.89
C PHE A 714 7.08 0.46 -8.19
N PHE A 715 7.51 0.23 -6.96
CA PHE A 715 7.09 -0.92 -6.19
C PHE A 715 7.15 -0.60 -4.71
N ILE A 716 6.50 -1.46 -3.92
CA ILE A 716 6.53 -1.33 -2.46
C ILE A 716 7.77 -2.01 -1.92
N ARG A 717 8.08 -1.74 -0.65
CA ARG A 717 9.30 -2.28 -0.04
C ARG A 717 9.36 -3.81 -0.04
N PRO A 718 8.31 -4.54 0.35
CA PRO A 718 8.45 -6.01 0.37
C PRO A 718 8.80 -6.61 -0.96
N PHE A 719 8.42 -5.98 -2.07
CA PHE A 719 8.79 -6.51 -3.38
C PHE A 719 10.30 -6.55 -3.55
N TYR A 720 10.98 -5.43 -3.27
CA TYR A 720 12.43 -5.43 -3.33
C TYR A 720 13.03 -6.32 -2.26
N LYS A 721 12.38 -6.41 -1.09
CA LYS A 721 12.90 -7.26 -0.02
C LYS A 721 12.91 -8.72 -0.45
N MET A 722 11.87 -9.16 -1.18
CA MET A 722 11.85 -10.51 -1.71
C MET A 722 12.81 -10.66 -2.87
N MET A 723 12.97 -9.63 -3.70
CA MET A 723 13.91 -9.71 -4.81
C MET A 723 15.36 -9.83 -4.32
N LEU A 724 15.64 -9.32 -3.13
CA LEU A 724 16.95 -9.50 -2.51
C LEU A 724 17.06 -10.79 -1.72
N GLY A 725 16.01 -11.61 -1.69
CA GLY A 725 16.03 -12.84 -0.93
C GLY A 725 16.09 -12.64 0.58
N LYS A 726 15.32 -11.70 1.10
CA LYS A 726 15.26 -11.44 2.53
C LYS A 726 13.92 -11.91 3.09
N GLN A 727 13.88 -12.07 4.41
CA GLN A 727 12.67 -12.53 5.08
C GLN A 727 11.63 -11.41 5.12
N ILE A 728 10.41 -11.79 5.49
CA ILE A 728 9.27 -10.88 5.53
C ILE A 728 8.76 -10.81 6.96
N THR A 729 8.49 -9.58 7.42
CA THR A 729 7.94 -9.34 8.74
C THR A 729 6.71 -8.43 8.62
N LEU A 730 6.12 -8.10 9.77
CA LEU A 730 4.92 -7.26 9.79
C LEU A 730 5.20 -5.88 9.21
N ASN A 731 6.38 -5.33 9.50
CA ASN A 731 6.75 -4.03 8.96
C ASN A 731 6.81 -4.04 7.45
N ASP A 732 6.93 -5.23 6.84
CA ASP A 732 6.79 -5.35 5.40
C ASP A 732 5.34 -5.45 4.99
N MET A 733 4.58 -6.32 5.66
CA MET A 733 3.18 -6.55 5.32
C MET A 733 2.32 -5.29 5.47
N GLU A 734 2.77 -4.30 6.25
CA GLU A 734 1.98 -3.09 6.41
C GLU A 734 1.77 -2.35 5.10
N SER A 735 2.58 -2.63 4.08
CA SER A 735 2.50 -1.95 2.80
C SER A 735 1.80 -2.80 1.74
N VAL A 736 1.16 -3.90 2.13
CA VAL A 736 0.44 -4.74 1.17
C VAL A 736 -1.05 -4.74 1.51
N ASP A 737 -1.37 -4.63 2.81
CA ASP A 737 -2.75 -4.59 3.27
C ASP A 737 -2.81 -4.07 4.70
N SER A 738 -3.52 -2.97 4.91
CA SER A 738 -3.54 -2.33 6.23
C SER A 738 -4.22 -3.19 7.27
N GLU A 739 -5.32 -3.85 6.90
CA GLU A 739 -6.13 -4.57 7.89
C GLU A 739 -5.35 -5.73 8.51
N TYR A 740 -4.67 -6.53 7.67
CA TYR A 740 -3.90 -7.64 8.21
C TYR A 740 -2.78 -7.15 9.11
N TYR A 741 -2.12 -6.05 8.73
CA TYR A 741 -1.06 -5.51 9.57
C TYR A 741 -1.59 -5.04 10.92
N ASN A 742 -2.73 -4.34 10.92
CA ASN A 742 -3.32 -3.88 12.18
C ASN A 742 -3.68 -5.05 13.06
N SER A 743 -4.32 -6.08 12.49
CA SER A 743 -4.73 -7.23 13.28
C SER A 743 -3.52 -7.97 13.84
N LEU A 744 -2.49 -8.16 13.02
CA LEU A 744 -1.30 -8.88 13.49
C LEU A 744 -0.57 -8.10 14.57
N LYS A 745 -0.47 -6.78 14.42
CA LYS A 745 0.17 -5.97 15.46
C LYS A 745 -0.63 -6.02 16.75
N TRP A 746 -1.96 -6.00 16.65
CA TRP A 746 -2.79 -6.12 17.84
C TRP A 746 -2.59 -7.47 18.52
N ILE A 747 -2.46 -8.54 17.72
CA ILE A 747 -2.20 -9.86 18.28
C ILE A 747 -0.85 -9.87 19.00
N LEU A 748 0.17 -9.29 18.38
CA LEU A 748 1.50 -9.32 18.98
C LEU A 748 1.56 -8.51 20.26
N GLU A 749 0.99 -7.31 20.26
CA GLU A 749 1.09 -6.45 21.43
C GLU A 749 0.20 -6.93 22.57
N ASN A 750 -1.03 -7.33 22.25
CA ASN A 750 -2.02 -7.67 23.26
C ASN A 750 -2.15 -9.19 23.38
N ASP A 751 -2.96 -9.61 24.35
CA ASP A 751 -3.19 -11.05 24.55
C ASP A 751 -4.24 -11.54 23.54
N PRO A 752 -3.96 -12.62 22.81
CA PRO A 752 -4.90 -13.06 21.76
C PRO A 752 -6.12 -13.79 22.28
N THR A 753 -6.19 -14.08 23.59
CA THR A 753 -7.29 -14.88 24.11
C THR A 753 -8.65 -14.28 23.78
N GLU A 754 -8.74 -12.94 23.73
CA GLU A 754 -10.00 -12.29 23.41
C GLU A 754 -10.48 -12.66 22.01
N LEU A 755 -9.56 -12.73 21.04
CA LEU A 755 -9.95 -13.11 19.70
C LEU A 755 -10.46 -14.54 19.65
N ASP A 756 -9.80 -15.45 20.39
CA ASP A 756 -10.21 -16.85 20.48
C ASP A 756 -10.31 -17.48 19.09
N LEU A 757 -9.33 -17.18 18.26
CA LEU A 757 -9.26 -17.70 16.90
C LEU A 757 -8.20 -18.80 16.84
N MET A 758 -8.60 -19.98 16.39
CA MET A 758 -7.70 -21.13 16.33
C MET A 758 -7.03 -21.18 14.96
N PHE A 759 -6.17 -22.19 14.77
CA PHE A 759 -5.41 -22.32 13.54
C PHE A 759 -6.30 -22.78 12.39
N CYS A 760 -7.18 -21.90 11.92
CA CYS A 760 -8.05 -22.20 10.80
C CYS A 760 -8.14 -20.99 9.89
N ILE A 761 -8.17 -21.24 8.59
CA ILE A 761 -8.33 -20.21 7.59
C ILE A 761 -9.51 -20.58 6.71
N ASP A 762 -10.46 -19.66 6.56
CA ASP A 762 -11.68 -19.90 5.81
C ASP A 762 -11.53 -19.32 4.41
N GLU A 763 -11.62 -20.17 3.40
CA GLU A 763 -11.42 -19.77 2.01
C GLU A 763 -12.64 -20.17 1.19
N GLU A 764 -13.15 -19.22 0.40
CA GLU A 764 -14.31 -19.47 -0.45
C GLU A 764 -13.85 -19.48 -1.91
N ASN A 765 -14.15 -20.57 -2.61
CA ASN A 765 -13.87 -20.71 -4.03
C ASN A 765 -15.08 -21.29 -4.73
N PHE A 766 -15.35 -20.78 -5.94
CA PHE A 766 -16.42 -21.30 -6.78
C PHE A 766 -17.77 -21.31 -6.07
N GLY A 767 -17.98 -20.37 -5.16
CA GLY A 767 -19.22 -20.25 -4.44
C GLY A 767 -19.35 -21.10 -3.20
N GLN A 768 -18.35 -21.90 -2.86
CA GLN A 768 -18.40 -22.74 -1.67
C GLN A 768 -17.21 -22.41 -0.77
N THR A 769 -17.47 -22.35 0.53
CA THR A 769 -16.47 -21.96 1.53
C THR A 769 -16.04 -23.20 2.31
N TYR A 770 -14.73 -23.38 2.43
CA TYR A 770 -14.14 -24.47 3.21
C TYR A 770 -13.09 -23.92 4.17
N GLN A 771 -12.52 -24.83 4.95
CA GLN A 771 -11.58 -24.51 6.00
C GLN A 771 -10.26 -25.24 5.76
N VAL A 772 -9.15 -24.56 6.02
CA VAL A 772 -7.82 -25.13 5.87
C VAL A 772 -7.02 -24.84 7.13
N ASP A 773 -5.96 -25.61 7.32
CA ASP A 773 -5.12 -25.52 8.51
C ASP A 773 -3.70 -25.12 8.12
N LEU A 774 -3.12 -24.22 8.92
CA LEU A 774 -1.72 -23.86 8.72
C LEU A 774 -0.80 -25.02 9.07
N LYS A 775 -1.14 -25.78 10.10
CA LYS A 775 -0.37 -26.93 10.56
C LYS A 775 -1.31 -28.09 10.79
N PRO A 776 -0.80 -29.33 10.75
CA PRO A 776 -1.67 -30.48 11.06
C PRO A 776 -2.22 -30.38 12.46
N ASN A 777 -3.47 -30.83 12.62
CA ASN A 777 -4.23 -30.70 13.87
C ASN A 777 -4.39 -29.25 14.29
N GLY A 778 -4.28 -28.32 13.35
CA GLY A 778 -4.42 -26.90 13.68
C GLY A 778 -5.82 -26.56 14.14
N SER A 779 -6.84 -27.20 13.55
CA SER A 779 -8.22 -26.91 13.89
C SER A 779 -8.58 -27.33 15.30
N GLU A 780 -7.74 -28.12 15.97
CA GLU A 780 -8.02 -28.61 17.31
C GLU A 780 -7.13 -27.99 18.37
N ILE A 781 -6.33 -26.98 18.02
CA ILE A 781 -5.47 -26.28 18.95
C ILE A 781 -5.81 -24.79 18.91
N MET A 782 -6.10 -24.22 20.07
CA MET A 782 -6.39 -22.80 20.17
C MET A 782 -5.11 -22.02 20.43
N VAL A 783 -5.08 -20.78 19.96
CA VAL A 783 -3.91 -19.92 20.12
C VAL A 783 -3.89 -19.40 21.55
N THR A 784 -2.69 -19.16 22.07
CA THR A 784 -2.50 -18.64 23.41
C THR A 784 -1.22 -17.83 23.42
N ASN A 785 -0.69 -17.57 24.61
CA ASN A 785 0.62 -16.93 24.71
C ASN A 785 1.70 -17.91 24.26
N GLU A 786 2.92 -17.38 24.16
CA GLU A 786 4.16 -18.13 23.92
C GLU A 786 4.15 -18.91 22.60
N ASN A 787 3.12 -18.75 21.77
CA ASN A 787 3.13 -19.35 20.44
C ASN A 787 2.55 -18.44 19.38
N LYS A 788 2.20 -17.19 19.73
CA LYS A 788 1.67 -16.27 18.73
C LYS A 788 2.69 -15.93 17.66
N ARG A 789 3.98 -16.06 17.94
CA ARG A 789 5.01 -15.79 16.94
C ARG A 789 4.86 -16.69 15.73
N GLU A 790 4.76 -18.00 15.96
CA GLU A 790 4.63 -18.91 14.82
C GLU A 790 3.29 -18.73 14.13
N TYR A 791 2.25 -18.37 14.87
CA TYR A 791 0.96 -18.13 14.24
C TYR A 791 1.01 -16.94 13.29
N ILE A 792 1.59 -15.82 13.75
CA ILE A 792 1.66 -14.67 12.87
C ILE A 792 2.61 -14.93 11.70
N ASP A 793 3.68 -15.70 11.93
CA ASP A 793 4.58 -16.04 10.83
C ASP A 793 3.85 -16.87 9.78
N LEU A 794 3.08 -17.87 10.21
CA LEU A 794 2.34 -18.68 9.25
C LEU A 794 1.25 -17.87 8.56
N VAL A 795 0.64 -16.93 9.27
CA VAL A 795 -0.36 -16.06 8.63
C VAL A 795 0.30 -15.21 7.55
N ILE A 796 1.49 -14.67 7.84
CA ILE A 796 2.23 -13.92 6.83
C ILE A 796 2.53 -14.81 5.62
N GLN A 797 2.97 -16.04 5.89
CA GLN A 797 3.29 -16.96 4.81
C GLN A 797 2.08 -17.25 3.95
N TRP A 798 0.92 -17.48 4.58
CA TRP A 798 -0.28 -17.80 3.81
C TRP A 798 -0.82 -16.59 3.08
N ARG A 799 -0.62 -15.38 3.61
CA ARG A 799 -1.24 -14.21 3.02
C ARG A 799 -0.40 -13.63 1.89
N PHE A 800 0.90 -13.47 2.10
CA PHE A 800 1.74 -12.78 1.13
C PHE A 800 2.81 -13.66 0.52
N VAL A 801 3.64 -14.31 1.34
CA VAL A 801 4.85 -14.95 0.82
C VAL A 801 4.49 -16.12 -0.09
N ASN A 802 3.64 -17.03 0.36
CA ASN A 802 3.38 -18.24 -0.40
C ASN A 802 2.47 -17.98 -1.59
N ARG A 803 1.60 -16.97 -1.52
CA ARG A 803 0.66 -16.70 -2.61
C ARG A 803 1.39 -16.27 -3.88
N VAL A 804 2.40 -15.42 -3.75
CA VAL A 804 3.06 -14.81 -4.90
C VAL A 804 4.48 -15.31 -5.08
N GLN A 805 4.86 -16.39 -4.39
CA GLN A 805 6.24 -16.85 -4.47
C GLN A 805 6.60 -17.35 -5.86
N LYS A 806 5.67 -18.03 -6.54
CA LYS A 806 5.99 -18.61 -7.85
C LYS A 806 6.18 -17.52 -8.90
N GLN A 807 5.25 -16.58 -8.99
CA GLN A 807 5.39 -15.50 -9.96
C GLN A 807 6.57 -14.61 -9.65
N MET A 808 6.82 -14.33 -8.37
CA MET A 808 7.99 -13.54 -7.99
C MET A 808 9.27 -14.29 -8.33
N ASN A 809 9.28 -15.61 -8.17
CA ASN A 809 10.43 -16.41 -8.54
C ASN A 809 10.65 -16.37 -10.05
N ALA A 810 9.56 -16.41 -10.83
CA ALA A 810 9.70 -16.29 -12.28
C ALA A 810 10.29 -14.93 -12.67
N PHE A 811 9.81 -13.87 -12.03
CA PHE A 811 10.34 -12.54 -12.29
C PHE A 811 11.81 -12.47 -11.91
N LEU A 812 12.18 -13.07 -10.77
CA LEU A 812 13.57 -13.07 -10.34
C LEU A 812 14.45 -13.85 -11.30
N GLU A 813 13.96 -14.98 -11.82
CA GLU A 813 14.72 -15.74 -12.80
C GLU A 813 14.91 -14.94 -14.09
N GLY A 814 13.86 -14.26 -14.55
CA GLY A 814 14.01 -13.40 -15.71
C GLY A 814 14.99 -12.28 -15.48
N PHE A 815 14.98 -11.71 -14.28
CA PHE A 815 15.92 -10.65 -13.93
C PHE A 815 17.36 -11.17 -13.92
N THR A 816 17.59 -12.33 -13.30
CA THR A 816 18.93 -12.86 -13.16
C THR A 816 19.45 -13.53 -14.42
N GLU A 817 18.57 -13.79 -15.40
CA GLU A 817 19.05 -14.32 -16.67
C GLU A 817 19.93 -13.32 -17.41
N LEU A 818 19.83 -12.04 -17.07
CA LEU A 818 20.62 -11.00 -17.70
C LEU A 818 21.64 -10.34 -16.77
N LEU A 819 21.44 -10.40 -15.46
CA LEU A 819 22.39 -9.88 -14.51
C LEU A 819 22.75 -10.94 -13.48
N PRO A 820 24.00 -11.03 -13.05
CA PRO A 820 24.33 -11.91 -11.94
C PRO A 820 23.57 -11.49 -10.69
N ILE A 821 23.08 -12.49 -9.95
CA ILE A 821 22.25 -12.17 -8.78
C ILE A 821 23.07 -11.93 -7.53
N ASP A 822 24.36 -12.28 -7.55
CA ASP A 822 25.22 -11.96 -6.41
C ASP A 822 25.69 -10.51 -6.42
N LEU A 823 25.40 -9.76 -7.48
CA LEU A 823 25.79 -8.36 -7.57
C LEU A 823 24.70 -7.42 -7.10
N ILE A 824 23.56 -7.94 -6.66
CA ILE A 824 22.46 -7.10 -6.22
C ILE A 824 22.28 -7.12 -4.71
N LYS A 825 22.76 -8.15 -4.02
CA LYS A 825 22.63 -8.19 -2.57
C LYS A 825 23.48 -7.13 -1.87
N ILE A 826 24.38 -6.46 -2.60
CA ILE A 826 25.20 -5.41 -2.00
C ILE A 826 24.33 -4.25 -1.54
N PHE A 827 23.27 -3.94 -2.27
CA PHE A 827 22.37 -2.87 -1.90
C PHE A 827 21.40 -3.35 -0.83
N ASP A 828 20.39 -2.54 -0.52
CA ASP A 828 19.33 -2.91 0.40
C ASP A 828 17.97 -2.61 -0.23
N GLU A 829 16.90 -2.80 0.55
CA GLU A 829 15.56 -2.64 0.03
C GLU A 829 15.22 -1.19 -0.30
N ASN A 830 15.96 -0.23 0.23
CA ASN A 830 15.70 1.18 -0.02
C ASN A 830 16.49 1.74 -1.19
N GLU A 831 17.31 0.91 -1.86
CA GLU A 831 18.20 1.39 -2.89
C GLU A 831 17.89 0.87 -4.29
N LEU A 832 17.35 -0.35 -4.40
CA LEU A 832 17.02 -0.86 -5.72
C LEU A 832 15.96 -0.02 -6.41
N GLU A 833 15.02 0.54 -5.64
CA GLU A 833 14.00 1.41 -6.23
C GLU A 833 14.64 2.62 -6.90
N LEU A 834 15.60 3.26 -6.23
CA LEU A 834 16.31 4.37 -6.84
C LEU A 834 17.16 3.91 -8.00
N LEU A 835 17.77 2.72 -7.90
CA LEU A 835 18.63 2.24 -8.97
C LEU A 835 17.84 2.02 -10.25
N MET A 836 16.65 1.42 -10.14
CA MET A 836 15.89 1.10 -11.34
C MET A 836 15.08 2.30 -11.83
N CYS A 837 14.34 2.97 -10.94
CA CYS A 837 13.49 4.07 -11.35
C CYS A 837 14.25 5.37 -11.51
N GLY A 838 15.53 5.41 -11.17
CA GLY A 838 16.29 6.64 -11.18
C GLY A 838 16.09 7.44 -9.91
N LEU A 839 16.87 8.51 -9.80
CA LEU A 839 16.79 9.41 -8.66
C LEU A 839 16.01 10.65 -9.07
N GLY A 840 14.95 10.95 -8.32
CA GLY A 840 14.11 12.09 -8.60
C GLY A 840 14.62 13.36 -7.94
N ASP A 841 13.78 14.39 -8.01
CA ASP A 841 14.05 15.67 -7.37
C ASP A 841 12.84 16.06 -6.54
N VAL A 842 13.10 16.65 -5.37
CA VAL A 842 12.05 17.03 -4.43
C VAL A 842 12.08 18.53 -4.23
N ASP A 843 10.93 19.18 -4.38
CA ASP A 843 10.80 20.61 -4.16
C ASP A 843 10.58 20.84 -2.67
N VAL A 844 11.63 21.27 -1.97
CA VAL A 844 11.58 21.37 -0.52
C VAL A 844 10.62 22.48 -0.07
N ASN A 845 10.54 23.59 -0.82
CA ASN A 845 9.68 24.69 -0.41
C ASN A 845 8.20 24.29 -0.47
N ASP A 846 7.78 23.73 -1.60
CA ASP A 846 6.40 23.26 -1.72
C ASP A 846 6.12 22.14 -0.73
N TRP A 847 7.15 21.34 -0.41
CA TRP A 847 7.01 20.35 0.64
C TRP A 847 6.72 21.00 1.98
N ARG A 848 7.42 22.11 2.27
CA ARG A 848 7.24 22.78 3.55
C ARG A 848 5.88 23.44 3.65
N GLN A 849 5.41 24.05 2.56
CA GLN A 849 4.12 24.73 2.61
C GLN A 849 2.94 23.78 2.67
N HIS A 850 3.16 22.48 2.50
CA HIS A 850 2.11 21.47 2.48
C HIS A 850 2.40 20.37 3.50
N SER A 851 2.74 20.76 4.72
CA SER A 851 3.03 19.80 5.78
C SER A 851 2.43 20.31 7.08
N ILE A 852 1.44 19.59 7.60
CA ILE A 852 0.79 19.99 8.84
C ILE A 852 1.60 19.50 10.03
N TYR A 853 1.37 20.13 11.18
CA TYR A 853 2.00 19.73 12.43
C TYR A 853 0.96 19.76 13.53
N LYS A 854 1.15 18.91 14.54
CA LYS A 854 0.17 18.76 15.61
C LYS A 854 0.87 18.42 16.91
N ASN A 855 0.07 18.31 17.98
CA ASN A 855 0.58 18.03 19.32
C ASN A 855 1.59 19.07 19.78
N GLY A 856 1.32 20.34 19.48
CA GLY A 856 2.11 21.43 20.00
C GLY A 856 3.28 21.85 19.14
N TYR A 857 3.60 21.12 18.07
CA TYR A 857 4.68 21.48 17.17
C TYR A 857 4.21 22.66 16.33
N CYS A 858 4.53 23.87 16.77
CA CYS A 858 4.15 25.06 16.02
C CYS A 858 4.94 25.11 14.72
N PRO A 859 4.39 25.78 13.70
CA PRO A 859 5.16 25.95 12.46
C PRO A 859 6.49 26.65 12.69
N ASN A 860 6.55 27.57 13.64
CA ASN A 860 7.79 28.22 14.02
C ASN A 860 8.31 27.72 15.37
N HIS A 861 7.83 26.58 15.84
CA HIS A 861 8.41 25.97 17.02
C HIS A 861 9.85 25.60 16.74
N PRO A 862 10.74 25.70 17.74
CA PRO A 862 12.17 25.45 17.46
C PRO A 862 12.43 24.09 16.83
N VAL A 863 11.73 23.04 17.25
CA VAL A 863 12.00 21.71 16.71
C VAL A 863 11.68 21.67 15.23
N ILE A 864 10.56 22.26 14.81
CA ILE A 864 10.21 22.26 13.39
C ILE A 864 11.21 23.10 12.60
N GLN A 865 11.66 24.22 13.17
CA GLN A 865 12.65 25.04 12.48
C GLN A 865 13.95 24.26 12.26
N TRP A 866 14.44 23.59 13.31
CA TRP A 866 15.65 22.79 13.16
C TRP A 866 15.43 21.67 12.16
N PHE A 867 14.26 21.03 12.17
CA PHE A 867 13.99 19.94 11.24
C PHE A 867 14.02 20.43 9.79
N TRP A 868 13.36 21.55 9.52
CA TRP A 868 13.35 22.05 8.15
C TRP A 868 14.75 22.52 7.73
N LYS A 869 15.50 23.10 8.66
CA LYS A 869 16.88 23.49 8.33
C LYS A 869 17.71 22.26 7.98
N ALA A 870 17.57 21.18 8.75
CA ALA A 870 18.31 19.96 8.46
C ALA A 870 17.88 19.35 7.13
N VAL A 871 16.58 19.37 6.85
CA VAL A 871 16.08 18.80 5.60
C VAL A 871 16.61 19.57 4.39
N LEU A 872 16.57 20.90 4.47
CA LEU A 872 17.14 21.70 3.39
C LEU A 872 18.67 21.64 3.39
N LEU A 873 19.27 21.14 4.46
CA LEU A 873 20.73 21.01 4.52
C LEU A 873 21.24 19.70 3.95
N MET A 874 20.42 18.66 3.89
CA MET A 874 20.87 17.37 3.42
C MET A 874 21.02 17.36 1.91
N ASP A 875 21.69 16.32 1.41
CA ASP A 875 21.90 16.13 -0.01
C ASP A 875 20.67 15.52 -0.67
N ALA A 876 20.69 15.48 -2.00
CA ALA A 876 19.54 14.98 -2.74
C ALA A 876 19.27 13.51 -2.44
N GLU A 877 20.32 12.70 -2.37
CA GLU A 877 20.13 11.27 -2.12
C GLU A 877 19.55 11.02 -0.74
N LYS A 878 20.08 11.69 0.29
CA LYS A 878 19.57 11.48 1.62
C LYS A 878 18.16 12.07 1.79
N ARG A 879 17.87 13.19 1.12
CA ARG A 879 16.51 13.72 1.14
C ARG A 879 15.54 12.74 0.52
N ILE A 880 15.92 12.13 -0.61
CA ILE A 880 15.09 11.12 -1.24
C ILE A 880 14.91 9.92 -0.30
N ARG A 881 15.98 9.52 0.38
CA ARG A 881 15.87 8.40 1.30
C ARG A 881 14.92 8.72 2.44
N LEU A 882 14.95 9.95 2.95
CA LEU A 882 14.01 10.34 3.99
C LEU A 882 12.58 10.30 3.48
N LEU A 883 12.35 10.81 2.26
CA LEU A 883 11.01 10.78 1.69
C LEU A 883 10.52 9.34 1.53
N GLN A 884 11.39 8.46 1.06
CA GLN A 884 11.04 7.06 0.88
C GLN A 884 10.78 6.39 2.22
N PHE A 885 11.55 6.75 3.25
CA PHE A 885 11.38 6.18 4.58
C PHE A 885 10.08 6.64 5.21
N VAL A 886 9.62 7.85 4.91
CA VAL A 886 8.37 8.34 5.49
C VAL A 886 7.16 7.82 4.71
N THR A 887 7.07 8.18 3.43
CA THR A 887 5.86 7.88 2.65
C THR A 887 5.91 6.55 1.93
N GLY A 888 7.02 5.81 2.02
CA GLY A 888 7.09 4.49 1.42
C GLY A 888 7.25 4.47 -0.07
N THR A 889 7.55 5.62 -0.70
CA THR A 889 7.70 5.69 -2.14
C THR A 889 8.58 6.89 -2.49
N SER A 890 9.52 6.68 -3.39
CA SER A 890 10.49 7.70 -3.75
C SER A 890 9.99 8.63 -4.84
N ARG A 891 8.68 8.75 -5.02
CA ARG A 891 8.11 9.63 -6.01
C ARG A 891 7.01 10.48 -5.39
N VAL A 892 6.78 11.65 -5.97
CA VAL A 892 5.73 12.55 -5.52
C VAL A 892 4.74 12.74 -6.66
N PRO A 893 3.46 13.01 -6.37
CA PRO A 893 2.50 13.21 -7.45
C PRO A 893 2.90 14.37 -8.35
N MET A 894 2.64 14.20 -9.65
CA MET A 894 3.06 15.21 -10.62
C MET A 894 2.37 16.54 -10.39
N ASN A 895 1.16 16.52 -9.82
CA ASN A 895 0.46 17.78 -9.55
C ASN A 895 1.14 18.55 -8.43
N GLY A 896 1.69 17.85 -7.44
CA GLY A 896 2.36 18.50 -6.34
C GLY A 896 2.32 17.63 -5.11
N PHE A 897 2.65 18.26 -3.98
CA PHE A 897 2.63 17.59 -2.68
C PHE A 897 1.26 17.59 -2.03
N ALA A 898 0.26 18.22 -2.65
CA ALA A 898 -1.07 18.31 -2.09
C ALA A 898 -1.90 17.06 -2.35
N GLU A 899 -1.42 16.14 -3.18
CA GLU A 899 -2.14 14.93 -3.53
C GLU A 899 -1.40 13.69 -3.06
N LEU A 900 -0.74 13.79 -1.91
CA LEU A 900 0.02 12.68 -1.35
C LEU A 900 -0.96 11.77 -0.60
N TYR A 901 -1.45 10.76 -1.29
CA TYR A 901 -2.50 9.90 -0.75
C TYR A 901 -1.96 9.02 0.37
N GLY A 902 -2.88 8.49 1.18
CA GLY A 902 -2.55 7.57 2.24
C GLY A 902 -3.44 6.34 2.22
N SER A 903 -3.43 5.58 3.32
CA SER A 903 -4.24 4.36 3.37
C SER A 903 -5.72 4.67 3.32
N ASN A 904 -6.16 5.71 4.02
CA ASN A 904 -7.57 6.04 4.16
C ASN A 904 -7.92 7.37 3.49
N GLY A 905 -7.38 7.60 2.30
CA GLY A 905 -7.60 8.83 1.58
C GLY A 905 -6.39 9.72 1.61
N PRO A 906 -6.47 10.87 0.95
CA PRO A 906 -5.33 11.80 0.94
C PRO A 906 -4.99 12.29 2.34
N GLN A 907 -3.70 12.44 2.60
CA GLN A 907 -3.23 12.93 3.90
C GLN A 907 -1.83 13.49 3.71
N LEU A 908 -1.64 14.75 4.05
CA LEU A 908 -0.38 15.43 3.78
C LEU A 908 0.72 14.92 4.72
N PHE A 909 1.94 15.40 4.45
CA PHE A 909 3.07 15.12 5.33
C PHE A 909 2.79 15.66 6.73
N THR A 910 3.04 14.85 7.75
CA THR A 910 2.68 15.18 9.11
C THR A 910 3.82 14.87 10.06
N ILE A 911 4.04 15.76 11.02
CA ILE A 911 5.03 15.58 12.08
C ILE A 911 4.29 15.47 13.40
N GLU A 912 4.72 14.52 14.24
CA GLU A 912 4.03 14.21 15.47
C GLU A 912 4.99 14.30 16.65
N GLN A 913 4.47 14.74 17.79
CA GLN A 913 5.23 14.79 19.04
C GLN A 913 5.07 13.45 19.75
N TRP A 914 6.15 12.68 19.81
CA TRP A 914 6.08 11.32 20.34
C TRP A 914 7.46 10.90 20.80
N GLY A 915 7.49 10.09 21.85
CA GLY A 915 8.70 9.42 22.28
C GLY A 915 9.56 10.24 23.24
N SER A 916 10.54 9.56 23.82
CA SER A 916 11.52 10.15 24.72
C SER A 916 12.58 10.92 23.93
N PRO A 917 13.15 11.96 24.54
CA PRO A 917 14.15 12.77 23.81
C PRO A 917 15.38 11.99 23.38
N GLU A 918 15.69 10.86 24.02
CA GLU A 918 16.88 10.07 23.69
C GLU A 918 16.56 8.88 22.81
N LYS A 919 15.58 8.99 21.92
CA LYS A 919 15.18 7.89 21.06
C LYS A 919 15.07 8.36 19.61
N LEU A 920 15.32 7.44 18.68
CA LEU A 920 15.28 7.76 17.28
C LEU A 920 13.85 8.01 16.81
N PRO A 921 13.65 8.88 15.83
CA PRO A 921 12.30 9.13 15.32
C PRO A 921 11.74 7.91 14.59
N ARG A 922 10.42 7.78 14.64
CA ARG A 922 9.72 6.67 13.99
C ARG A 922 8.92 7.19 12.81
N ALA A 923 8.42 6.26 11.99
CA ALA A 923 7.65 6.59 10.82
C ALA A 923 6.37 5.76 10.77
N HIS A 924 5.40 6.27 10.02
CA HIS A 924 4.15 5.55 9.77
C HIS A 924 3.75 5.82 8.32
N THR A 925 4.00 4.86 7.44
CA THR A 925 3.72 5.03 6.03
C THR A 925 2.22 4.99 5.72
N CYS A 926 1.42 4.36 6.59
CA CYS A 926 -0.02 4.31 6.36
C CYS A 926 -0.63 5.69 6.43
N PHE A 927 -0.20 6.52 7.38
CA PHE A 927 -0.73 7.87 7.55
C PHE A 927 0.25 8.93 7.09
N ASN A 928 1.40 8.54 6.55
CA ASN A 928 2.44 9.48 6.12
C ASN A 928 2.82 10.41 7.27
N ARG A 929 3.27 9.81 8.37
CA ARG A 929 3.60 10.57 9.56
C ARG A 929 5.03 10.27 10.00
N LEU A 930 5.67 11.28 10.60
CA LEU A 930 7.00 11.15 11.19
C LEU A 930 6.89 11.54 12.67
N ASP A 931 7.08 10.57 13.56
CA ASP A 931 7.05 10.82 14.99
C ASP A 931 8.45 11.23 15.43
N LEU A 932 8.60 12.50 15.83
CA LEU A 932 9.89 13.08 16.18
C LEU A 932 9.86 13.57 17.62
N PRO A 933 10.66 13.00 18.51
CA PRO A 933 10.72 13.54 19.87
C PRO A 933 11.35 14.91 19.87
N PRO A 934 11.01 15.76 20.84
CA PRO A 934 11.68 17.07 20.93
C PRO A 934 13.17 16.92 21.19
N TYR A 935 13.94 17.86 20.63
CA TYR A 935 15.39 17.85 20.78
C TYR A 935 15.87 19.22 21.26
N GLU A 936 17.03 19.20 21.91
CA GLU A 936 17.55 20.40 22.56
C GLU A 936 18.11 21.39 21.54
N THR A 937 19.11 20.97 20.77
CA THR A 937 19.80 21.87 19.84
C THR A 937 19.84 21.24 18.45
N PHE A 938 20.40 22.00 17.50
CA PHE A 938 20.44 21.56 16.12
C PHE A 938 21.31 20.32 15.95
N GLU A 939 22.42 20.24 16.69
CA GLU A 939 23.33 19.11 16.54
C GLU A 939 22.64 17.80 16.86
N ASP A 940 21.88 17.77 17.96
CA ASP A 940 21.21 16.55 18.35
C ASP A 940 20.19 16.12 17.31
N LEU A 941 19.39 17.08 16.80
CA LEU A 941 18.38 16.73 15.82
C LEU A 941 19.01 16.24 14.53
N ARG A 942 20.07 16.91 14.06
CA ARG A 942 20.72 16.46 12.83
C ARG A 942 21.29 15.06 13.00
N GLU A 943 21.96 14.81 14.13
CA GLU A 943 22.55 13.49 14.35
C GLU A 943 21.48 12.40 14.41
N LYS A 944 20.41 12.65 15.18
CA LYS A 944 19.36 11.64 15.31
C LYS A 944 18.65 11.39 13.99
N LEU A 945 18.31 12.46 13.26
CA LEU A 945 17.62 12.28 11.99
C LEU A 945 18.50 11.57 10.97
N LEU A 946 19.79 11.91 10.92
CA LEU A 946 20.69 11.23 10.01
C LEU A 946 20.83 9.76 10.37
N MET A 947 20.91 9.45 11.66
CA MET A 947 20.98 8.04 12.06
C MET A 947 19.72 7.30 11.67
N ALA A 948 18.56 7.90 11.88
CA ALA A 948 17.29 7.25 11.53
C ALA A 948 17.18 7.03 10.03
N VAL A 949 17.57 8.02 9.23
CA VAL A 949 17.46 7.88 7.78
C VAL A 949 18.46 6.84 7.26
N GLU A 950 19.70 6.87 7.74
CA GLU A 950 20.68 5.87 7.32
C GLU A 950 20.26 4.48 7.76
N ASN A 951 19.57 4.36 8.90
CA ASN A 951 19.08 3.09 9.38
C ASN A 951 17.58 2.94 9.15
N ALA A 952 17.09 3.39 8.00
CA ALA A 952 15.67 3.35 7.69
C ALA A 952 15.25 1.91 7.43
N GLN A 953 14.64 1.28 8.43
CA GLN A 953 14.22 -0.10 8.32
C GLN A 953 13.07 -0.40 9.28
#